data_5F4R
#
_entry.id   5F4R
#
_cell.length_a   67.679
_cell.length_b   127.357
_cell.length_c   192.064
_cell.angle_alpha   90.00
_cell.angle_beta   90.00
_cell.angle_gamma   90.00
#
_symmetry.space_group_name_H-M   'C 2 2 21'
#
loop_
_entity.id
_entity.type
_entity.pdbx_description
1 polymer 'ENVELOPE GLYCOPROTEIN GP120 of HIV-1 clade C'
2 non-polymer 'FORMIC ACID'
3 non-polymer 2-acetamido-2-deoxy-beta-D-glucopyranose
4 non-polymer "~{N}'-[(1~{R},2~{R})-2-(carbamimidamidomethyl)-5-[[carbamimidoyl(methyl)amino]methyl]-2,3-dihydro-1~{H}-inden-1-yl]-~{N}-(4-chloranyl-3-fluoranyl-phenyl)ethanediamide"
5 water water
#
_entity_poly.entity_id   1
_entity_poly.type   'polypeptide(L)'
_entity_poly.pdbx_seq_one_letter_code
;KTTLFCASDAKAYEKEVHNVWATHACVPTDPNPQEMVLANVTENFNMWKNDMVEQMHEDIISLWDESLKPCVKLTGGSAI
TQACPKVSFDPIPLHYCAPAGFAILKCNNKTFNGTGPCRNVSTVQCTHGIKPVVSTQLLLNGSLAEEEIIIRSENLTNNA
KTIIVHLNESVNIVCTRPNNGGSGSGGNIRQAHCNINESKWNNTLQKVGEELAKHFPSKTIKFEPSSGGDLEITTHSFNC
RGEFFYCNTSDLFNGTYRNGTYNHTGRSSNGTITLQCKIKQIINMWQEVGRAIYAPPIEGEITCNSNITGLLLLRDGGND
DNDTETFRPGGGDMRDNWRSELYKYKVVEI
;
_entity_poly.pdbx_strand_id   A,C
#
# COMPACT_ATOMS: atom_id res chain seq x y z
N LYS A 1 -8.70 -27.60 20.42
CA LYS A 1 -10.04 -27.30 19.93
C LYS A 1 -10.91 -26.67 21.01
N THR A 2 -11.60 -25.58 20.66
CA THR A 2 -12.49 -24.88 21.58
C THR A 2 -13.50 -24.04 20.81
N THR A 3 -14.23 -23.18 21.52
CA THR A 3 -15.20 -22.31 20.89
C THR A 3 -14.76 -20.85 20.94
N LEU A 4 -14.02 -20.44 19.90
CA LEU A 4 -13.51 -19.07 19.79
C LEU A 4 -14.62 -18.03 19.82
N PHE A 5 -14.24 -16.77 20.06
CA PHE A 5 -15.22 -15.67 20.05
C PHE A 5 -14.65 -14.45 19.34
N CYS A 6 -15.52 -13.75 18.61
CA CYS A 6 -15.08 -12.63 17.77
C CYS A 6 -14.99 -11.31 18.55
N ALA A 7 -14.09 -10.45 18.10
CA ALA A 7 -13.91 -9.12 18.67
C ALA A 7 -13.77 -8.09 17.56
N SER A 8 -14.47 -6.97 17.69
CA SER A 8 -14.47 -5.95 16.64
C SER A 8 -14.65 -4.55 17.20
N ASP A 9 -14.43 -3.55 16.35
CA ASP A 9 -14.70 -2.16 16.69
C ASP A 9 -16.06 -1.77 16.12
N ALA A 10 -17.01 -2.68 16.25
CA ALA A 10 -18.36 -2.49 15.71
C ALA A 10 -19.13 -1.41 16.45
N LYS A 11 -19.44 -0.33 15.74
CA LYS A 11 -20.23 0.76 16.30
C LYS A 11 -21.72 0.41 16.21
N ALA A 12 -22.48 0.73 17.25
CA ALA A 12 -23.87 0.29 17.36
C ALA A 12 -24.86 1.30 16.79
N TYR A 13 -24.34 2.42 16.31
CA TYR A 13 -25.17 3.42 15.64
C TYR A 13 -25.05 3.27 14.13
N GLU A 14 -24.13 2.42 13.70
CA GLU A 14 -23.94 2.12 12.29
C GLU A 14 -24.98 1.09 11.84
N LYS A 15 -25.69 1.41 10.75
CA LYS A 15 -26.71 0.52 10.23
C LYS A 15 -26.14 -0.34 9.10
N GLU A 16 -24.83 -0.22 8.89
CA GLU A 16 -24.11 -1.14 8.03
C GLU A 16 -24.18 -2.52 8.67
N VAL A 17 -24.65 -3.50 7.90
CA VAL A 17 -25.06 -4.80 8.43
C VAL A 17 -23.94 -5.59 9.15
N HIS A 18 -22.70 -5.42 8.73
CA HIS A 18 -21.58 -6.06 9.42
C HIS A 18 -21.51 -5.56 10.86
N ASN A 19 -21.72 -4.27 11.04
CA ASN A 19 -21.76 -3.66 12.37
C ASN A 19 -22.99 -4.14 13.15
N VAL A 20 -24.16 -4.11 12.51
CA VAL A 20 -25.41 -4.58 13.10
C VAL A 20 -25.27 -6.00 13.67
N TRP A 21 -24.62 -6.87 12.91
CA TRP A 21 -24.37 -8.24 13.34
C TRP A 21 -23.30 -8.33 14.43
N ALA A 22 -22.18 -7.65 14.22
CA ALA A 22 -21.04 -7.74 15.13
C ALA A 22 -21.32 -7.17 16.52
N THR A 23 -22.21 -6.18 16.60
CA THR A 23 -22.54 -5.57 17.88
C THR A 23 -23.33 -6.51 18.78
N HIS A 24 -24.04 -7.46 18.18
CA HIS A 24 -24.82 -8.43 18.95
C HIS A 24 -24.26 -9.85 18.83
N ALA A 25 -23.11 -9.98 18.17
CA ALA A 25 -22.47 -11.29 18.03
C ALA A 25 -21.05 -11.28 18.58
N CYS A 26 -20.35 -10.17 18.40
CA CYS A 26 -18.97 -10.04 18.89
C CYS A 26 -18.91 -9.16 20.13
N VAL A 27 -17.74 -9.08 20.74
CA VAL A 27 -17.52 -8.22 21.89
C VAL A 27 -16.39 -7.24 21.58
N PRO A 28 -16.44 -6.02 22.14
CA PRO A 28 -15.44 -4.98 21.88
C PRO A 28 -14.00 -5.49 21.93
N THR A 29 -13.16 -5.02 21.01
CA THR A 29 -11.79 -5.52 20.89
C THR A 29 -10.95 -5.17 22.11
N ASP A 30 -9.76 -5.75 22.18
CA ASP A 30 -8.92 -5.65 23.37
C ASP A 30 -7.70 -4.76 23.14
N PRO A 31 -7.51 -3.77 24.02
CA PRO A 31 -6.27 -3.00 23.95
C PRO A 31 -5.09 -3.86 24.38
N ASN A 32 -5.25 -4.61 25.48
CA ASN A 32 -4.22 -5.51 26.00
C ASN A 32 -3.65 -6.46 24.96
N PRO A 33 -2.46 -6.14 24.42
CA PRO A 33 -1.91 -6.84 23.26
C PRO A 33 -0.71 -7.69 23.61
N GLN A 34 -0.72 -8.30 24.79
CA GLN A 34 0.45 -9.03 25.26
C GLN A 34 0.78 -10.23 24.39
N GLU A 35 1.24 -9.94 23.17
CA GLU A 35 1.85 -10.94 22.32
C GLU A 35 3.01 -11.58 23.07
N MET A 36 2.83 -12.84 23.46
CA MET A 36 3.89 -13.54 24.17
C MET A 36 4.99 -13.93 23.18
N VAL A 37 6.09 -13.17 23.23
CA VAL A 37 7.31 -13.45 22.50
C VAL A 37 7.72 -14.92 22.63
N LEU A 38 8.53 -15.42 21.70
CA LEU A 38 9.25 -16.69 21.90
C LEU A 38 10.23 -17.02 20.78
N ALA A 39 10.96 -18.10 21.03
CA ALA A 39 11.89 -18.74 20.13
C ALA A 39 12.22 -20.04 20.82
N ASN A 40 12.87 -20.98 20.12
CA ASN A 40 13.12 -22.33 20.63
C ASN A 40 11.81 -23.11 20.77
N VAL A 41 10.77 -22.67 20.07
CA VAL A 41 9.50 -23.39 20.07
C VAL A 41 9.19 -23.87 18.65
N THR A 42 9.82 -24.98 18.26
CA THR A 42 9.50 -25.63 16.99
C THR A 42 8.10 -26.20 17.08
N GLU A 43 7.15 -25.62 16.38
CA GLU A 43 5.84 -26.24 16.30
C GLU A 43 5.32 -26.19 14.87
N ASN A 44 4.47 -27.16 14.56
CA ASN A 44 3.98 -27.34 13.20
C ASN A 44 2.59 -26.78 13.03
N PHE A 45 2.33 -26.21 11.85
CA PHE A 45 1.02 -25.69 11.52
C PHE A 45 0.48 -26.41 10.29
N ASN A 46 -0.84 -26.40 10.14
CA ASN A 46 -1.46 -26.84 8.90
C ASN A 46 -2.67 -25.96 8.63
N MET A 47 -2.47 -24.95 7.80
CA MET A 47 -3.51 -23.97 7.48
C MET A 47 -4.73 -24.61 6.82
N TRP A 48 -4.59 -25.87 6.39
CA TRP A 48 -5.67 -26.58 5.71
C TRP A 48 -6.39 -27.57 6.63
N LYS A 49 -6.07 -27.53 7.92
CA LYS A 49 -6.76 -28.38 8.88
C LYS A 49 -7.20 -27.59 10.10
N ASN A 50 -7.05 -26.27 10.04
CA ASN A 50 -7.44 -25.38 11.12
C ASN A 50 -8.97 -25.30 11.32
N ASP A 51 -9.39 -25.30 12.59
CA ASP A 51 -10.81 -25.19 12.94
C ASP A 51 -11.26 -23.72 12.86
N MET A 52 -10.34 -22.81 13.19
CA MET A 52 -10.63 -21.37 13.15
C MET A 52 -11.29 -20.98 11.83
N VAL A 53 -10.81 -21.58 10.74
CA VAL A 53 -11.39 -21.42 9.42
C VAL A 53 -12.86 -21.88 9.38
N GLU A 54 -13.14 -23.03 9.98
CA GLU A 54 -14.49 -23.57 10.02
C GLU A 54 -15.45 -22.67 10.80
N GLN A 55 -15.07 -22.33 12.03
CA GLN A 55 -15.89 -21.46 12.87
C GLN A 55 -16.16 -20.11 12.20
N MET A 56 -15.08 -19.49 11.71
CA MET A 56 -15.18 -18.25 10.97
C MET A 56 -16.17 -18.40 9.82
N HIS A 57 -16.03 -19.49 9.06
CA HIS A 57 -16.91 -19.77 7.94
C HIS A 57 -18.38 -19.78 8.37
N GLU A 58 -18.70 -20.51 9.43
CA GLU A 58 -20.09 -20.63 9.85
C GLU A 58 -20.66 -19.34 10.44
N ASP A 59 -19.83 -18.54 11.10
CA ASP A 59 -20.32 -17.27 11.63
C ASP A 59 -20.43 -16.17 10.55
N ILE A 60 -19.61 -16.27 9.52
CA ILE A 60 -19.78 -15.40 8.34
C ILE A 60 -21.04 -15.84 7.58
N ILE A 61 -21.33 -17.14 7.60
CA ILE A 61 -22.56 -17.66 7.04
C ILE A 61 -23.76 -17.08 7.80
N SER A 62 -23.72 -17.10 9.13
CA SER A 62 -24.79 -16.52 9.92
C SER A 62 -24.93 -15.01 9.65
N LEU A 63 -23.79 -14.33 9.56
CA LEU A 63 -23.73 -12.91 9.21
C LEU A 63 -24.48 -12.63 7.92
N TRP A 64 -24.08 -13.32 6.85
CA TRP A 64 -24.73 -13.17 5.55
C TRP A 64 -26.21 -13.53 5.58
N ASP A 65 -26.55 -14.60 6.29
CA ASP A 65 -27.91 -15.10 6.38
C ASP A 65 -28.84 -14.06 6.99
N GLU A 66 -28.37 -13.37 8.02
CA GLU A 66 -29.19 -12.34 8.67
C GLU A 66 -29.12 -11.00 7.94
N SER A 67 -28.00 -10.72 7.30
CA SER A 67 -27.76 -9.41 6.68
C SER A 67 -28.27 -9.31 5.23
N LEU A 68 -27.65 -10.07 4.34
CA LEU A 68 -28.03 -10.09 2.93
C LEU A 68 -29.18 -11.08 2.69
N LYS A 69 -30.41 -10.62 2.87
CA LYS A 69 -31.57 -11.48 2.69
C LYS A 69 -32.15 -11.34 1.29
N PRO A 70 -32.13 -12.44 0.52
CA PRO A 70 -32.65 -12.48 -0.84
C PRO A 70 -34.17 -12.47 -0.90
N CYS A 71 -34.73 -11.99 -2.00
CA CYS A 71 -36.17 -12.06 -2.20
C CYS A 71 -36.59 -13.52 -2.20
N VAL A 72 -35.86 -14.33 -2.95
CA VAL A 72 -36.12 -15.76 -3.01
C VAL A 72 -34.86 -16.56 -2.72
N LYS A 73 -35.01 -17.62 -1.93
CA LYS A 73 -33.95 -18.56 -1.66
C LYS A 73 -34.41 -19.97 -2.06
N LEU A 74 -33.74 -20.55 -3.05
CA LEU A 74 -34.16 -21.82 -3.62
C LEU A 74 -33.19 -22.94 -3.26
N THR A 75 -33.64 -23.89 -2.44
CA THR A 75 -32.77 -24.98 -1.98
C THR A 75 -33.54 -26.30 -1.87
N GLY A 76 -32.93 -27.38 -2.34
CA GLY A 76 -33.55 -28.69 -2.32
C GLY A 76 -34.81 -28.80 -3.16
N GLY A 77 -35.05 -27.79 -3.99
CA GLY A 77 -36.26 -27.75 -4.80
C GLY A 77 -37.33 -26.87 -4.17
N SER A 78 -37.13 -26.51 -2.91
CA SER A 78 -38.09 -25.68 -2.17
C SER A 78 -37.69 -24.20 -2.21
N ALA A 79 -38.67 -23.33 -2.47
CA ALA A 79 -38.44 -21.90 -2.55
C ALA A 79 -39.00 -21.13 -1.35
N ILE A 80 -38.10 -20.59 -0.54
CA ILE A 80 -38.47 -19.72 0.57
C ILE A 80 -38.45 -18.28 0.10
N THR A 81 -39.48 -17.51 0.43
CA THR A 81 -39.56 -16.11 0.01
C THR A 81 -39.60 -15.17 1.22
N GLN A 82 -38.91 -14.03 1.12
CA GLN A 82 -38.94 -13.02 2.18
C GLN A 82 -38.69 -11.62 1.62
N ALA A 83 -38.79 -10.63 2.49
CA ALA A 83 -38.53 -9.25 2.12
C ALA A 83 -37.07 -9.07 1.73
N CYS A 84 -36.83 -8.32 0.66
CA CYS A 84 -35.48 -8.07 0.18
C CYS A 84 -35.19 -6.58 0.09
N PRO A 85 -34.93 -5.95 1.23
CA PRO A 85 -34.57 -4.53 1.20
C PRO A 85 -33.11 -4.34 0.82
N LYS A 86 -32.79 -3.24 0.16
CA LYS A 86 -31.40 -2.90 -0.12
C LYS A 86 -30.76 -2.38 1.16
N VAL A 87 -29.54 -2.86 1.44
CA VAL A 87 -28.89 -2.57 2.72
C VAL A 87 -27.51 -1.93 2.55
N SER A 88 -26.94 -1.45 3.64
CA SER A 88 -25.59 -0.90 3.64
C SER A 88 -24.57 -2.01 3.89
N PHE A 89 -23.64 -2.18 2.95
CA PHE A 89 -22.73 -3.31 2.98
C PHE A 89 -21.26 -2.90 2.75
N ASP A 90 -20.47 -2.93 3.81
CA ASP A 90 -19.02 -2.71 3.72
C ASP A 90 -18.32 -3.40 4.88
N PRO A 91 -17.66 -4.54 4.61
CA PRO A 91 -17.04 -5.43 5.59
C PRO A 91 -16.12 -4.73 6.60
N ILE A 92 -16.17 -5.19 7.85
CA ILE A 92 -15.30 -4.68 8.90
C ILE A 92 -14.43 -5.82 9.44
N PRO A 93 -13.19 -5.50 9.86
CA PRO A 93 -12.25 -6.52 10.34
C PRO A 93 -12.73 -7.26 11.58
N LEU A 94 -12.63 -8.57 11.58
CA LEU A 94 -13.01 -9.38 12.73
C LEU A 94 -11.78 -10.05 13.34
N HIS A 95 -11.62 -9.93 14.65
CA HIS A 95 -10.55 -10.62 15.35
C HIS A 95 -11.10 -11.91 15.95
N TYR A 96 -10.37 -13.01 15.84
CA TYR A 96 -10.83 -14.23 16.48
C TYR A 96 -9.99 -14.53 17.72
N CYS A 97 -10.68 -14.69 18.84
CA CYS A 97 -10.04 -14.77 20.15
C CYS A 97 -10.30 -16.11 20.81
N ALA A 98 -9.31 -16.58 21.57
CA ALA A 98 -9.40 -17.84 22.30
C ALA A 98 -9.91 -17.60 23.73
N PRO A 99 -10.83 -18.47 24.18
CA PRO A 99 -11.48 -18.36 25.49
C PRO A 99 -10.56 -18.68 26.67
N ALA A 100 -11.12 -18.67 27.87
CA ALA A 100 -10.37 -18.97 29.09
C ALA A 100 -9.79 -20.38 29.09
N GLY A 101 -8.47 -20.47 29.04
CA GLY A 101 -7.79 -21.75 29.04
C GLY A 101 -6.86 -21.94 27.87
N PHE A 102 -7.25 -21.43 26.71
CA PHE A 102 -6.46 -21.61 25.50
C PHE A 102 -5.90 -20.28 24.99
N ALA A 103 -4.88 -20.37 24.14
CA ALA A 103 -4.32 -19.17 23.53
C ALA A 103 -4.26 -19.35 22.01
N ILE A 104 -3.48 -18.50 21.34
CA ILE A 104 -3.31 -18.59 19.90
C ILE A 104 -1.85 -18.49 19.52
N LEU A 105 -1.31 -19.60 19.01
CA LEU A 105 0.05 -19.63 18.47
C LEU A 105 0.10 -18.84 17.17
N LYS A 106 1.13 -18.03 17.00
CA LYS A 106 1.26 -17.21 15.80
C LYS A 106 2.65 -17.36 15.19
N CYS A 107 2.71 -17.95 14.01
CA CYS A 107 3.98 -18.08 13.30
C CYS A 107 4.46 -16.69 12.89
N ASN A 108 5.75 -16.43 13.06
CA ASN A 108 6.30 -15.12 12.74
C ASN A 108 7.29 -15.17 11.57
N ASN A 109 7.56 -16.39 11.08
CA ASN A 109 8.37 -16.52 9.87
C ASN A 109 7.65 -15.88 8.70
N LYS A 110 8.25 -14.85 8.14
CA LYS A 110 7.63 -14.06 7.09
C LYS A 110 7.62 -14.79 5.75
N THR A 111 8.20 -15.99 5.74
CA THR A 111 8.20 -16.85 4.56
C THR A 111 7.72 -18.26 4.91
N PHE A 112 6.76 -18.34 5.84
CA PHE A 112 6.12 -19.60 6.19
C PHE A 112 5.01 -19.91 5.19
N ASN A 113 4.91 -21.16 4.76
CA ASN A 113 4.00 -21.53 3.68
C ASN A 113 2.74 -22.25 4.15
N GLY A 114 2.30 -21.95 5.36
CA GLY A 114 1.07 -22.53 5.88
C GLY A 114 1.19 -23.95 6.41
N THR A 115 1.93 -24.79 5.70
CA THR A 115 2.07 -26.20 6.08
C THR A 115 3.47 -26.56 6.56
N GLY A 116 3.58 -27.06 7.79
CA GLY A 116 4.85 -27.54 8.30
C GLY A 116 5.40 -26.77 9.47
N PRO A 117 6.72 -26.90 9.70
CA PRO A 117 7.43 -26.35 10.86
C PRO A 117 7.59 -24.84 10.83
N CYS A 118 7.47 -24.21 11.99
CA CYS A 118 7.84 -22.81 12.19
C CYS A 118 8.16 -22.63 13.66
N ARG A 119 8.94 -21.62 14.02
CA ARG A 119 9.40 -21.62 15.40
C ARG A 119 9.67 -20.23 15.97
N ASN A 120 9.91 -19.24 15.12
CA ASN A 120 9.69 -17.87 15.56
C ASN A 120 8.17 -17.78 15.73
N VAL A 121 7.71 -18.21 16.90
CA VAL A 121 6.29 -18.35 17.15
C VAL A 121 5.93 -17.63 18.43
N SER A 122 4.90 -16.82 18.37
CA SER A 122 4.42 -16.09 19.53
C SER A 122 3.12 -16.67 20.05
N THR A 123 2.59 -16.04 21.09
CA THR A 123 1.34 -16.46 21.71
C THR A 123 0.51 -15.24 22.05
N VAL A 124 -0.67 -15.14 21.46
CA VAL A 124 -1.54 -13.99 21.72
C VAL A 124 -2.98 -14.49 21.87
N GLN A 125 -3.87 -13.66 22.41
CA GLN A 125 -5.22 -14.11 22.74
C GLN A 125 -6.18 -13.97 21.56
N CYS A 126 -6.00 -12.92 20.75
CA CYS A 126 -6.86 -12.69 19.60
C CYS A 126 -6.07 -12.54 18.30
N THR A 127 -6.70 -12.89 17.18
CA THR A 127 -6.07 -12.77 15.87
C THR A 127 -6.14 -11.34 15.36
N HIS A 128 -5.40 -11.04 14.29
CA HIS A 128 -5.44 -9.72 13.68
C HIS A 128 -6.79 -9.49 12.99
N GLY A 129 -7.14 -8.23 12.78
CA GLY A 129 -8.40 -7.90 12.14
C GLY A 129 -8.49 -8.43 10.72
N ILE A 130 -9.51 -9.25 10.47
CA ILE A 130 -9.68 -9.86 9.16
C ILE A 130 -11.01 -9.47 8.52
N LYS A 131 -10.94 -8.92 7.32
CA LYS A 131 -12.13 -8.56 6.56
C LYS A 131 -12.75 -9.80 5.93
N PRO A 132 -14.00 -10.10 6.30
CA PRO A 132 -14.73 -11.25 5.74
C PRO A 132 -15.15 -11.00 4.30
N VAL A 133 -14.16 -10.83 3.41
CA VAL A 133 -14.43 -10.53 2.00
C VAL A 133 -14.74 -11.80 1.22
N VAL A 134 -15.98 -11.90 0.73
CA VAL A 134 -16.42 -13.03 -0.09
C VAL A 134 -16.09 -12.78 -1.56
N SER A 135 -15.17 -13.56 -2.11
CA SER A 135 -14.77 -13.40 -3.51
C SER A 135 -14.25 -14.70 -4.11
N THR A 136 -14.19 -14.73 -5.44
CA THR A 136 -13.57 -15.84 -6.16
C THR A 136 -12.39 -15.30 -6.95
N GLN A 137 -11.53 -16.19 -7.41
CA GLN A 137 -10.33 -15.82 -8.20
C GLN A 137 -9.38 -14.87 -7.47
N LEU A 138 -9.85 -13.65 -7.19
CA LEU A 138 -9.03 -12.64 -6.53
C LEU A 138 -9.36 -12.50 -5.06
N LEU A 139 -8.32 -12.36 -4.23
CA LEU A 139 -8.49 -12.07 -2.80
C LEU A 139 -8.39 -10.56 -2.57
N LEU A 140 -9.43 -9.97 -2.00
CA LEU A 140 -9.51 -8.52 -1.87
C LEU A 140 -9.42 -8.04 -0.41
N ASN A 141 -8.65 -6.98 -0.20
CA ASN A 141 -8.49 -6.35 1.11
C ASN A 141 -8.00 -7.30 2.18
N GLY A 142 -6.93 -8.03 1.87
CA GLY A 142 -6.30 -8.92 2.84
C GLY A 142 -4.99 -8.36 3.33
N SER A 143 -4.27 -9.15 4.13
CA SER A 143 -2.96 -8.75 4.61
C SER A 143 -1.90 -9.12 3.57
N LEU A 144 -1.09 -8.15 3.18
CA LEU A 144 0.02 -8.40 2.27
C LEU A 144 1.11 -9.21 2.98
N ALA A 145 1.80 -10.06 2.22
CA ALA A 145 2.96 -10.77 2.75
C ALA A 145 4.02 -9.76 3.16
N GLU A 146 4.77 -10.07 4.21
CA GLU A 146 5.81 -9.16 4.68
C GLU A 146 7.09 -9.28 3.85
N GLU A 147 6.90 -9.52 2.54
CA GLU A 147 7.88 -9.37 1.46
C GLU A 147 8.31 -10.73 0.90
N GLU A 148 8.56 -10.75 -0.40
CA GLU A 148 8.63 -11.97 -1.23
C GLU A 148 7.24 -12.62 -1.31
N ILE A 149 6.83 -12.99 -2.52
CA ILE A 149 5.53 -13.60 -2.74
C ILE A 149 5.52 -15.05 -2.23
N ILE A 150 4.52 -15.40 -1.43
CA ILE A 150 4.46 -16.75 -0.85
C ILE A 150 3.46 -17.66 -1.57
N ILE A 151 3.93 -18.84 -1.98
CA ILE A 151 3.07 -19.85 -2.60
C ILE A 151 2.55 -20.82 -1.53
N ARG A 152 1.23 -21.00 -1.49
CA ARG A 152 0.61 -21.87 -0.50
C ARG A 152 -0.23 -22.96 -1.17
N SER A 153 -0.16 -24.16 -0.62
CA SER A 153 -0.95 -25.29 -1.11
C SER A 153 -0.89 -26.41 -0.10
N GLU A 154 -2.04 -27.04 0.17
CA GLU A 154 -2.06 -28.27 0.93
C GLU A 154 -1.16 -29.27 0.22
N ASN A 155 -1.15 -29.17 -1.11
CA ASN A 155 -0.21 -29.89 -1.92
C ASN A 155 -0.07 -29.25 -3.31
N LEU A 156 1.18 -29.06 -3.77
CA LEU A 156 1.42 -28.48 -5.09
C LEU A 156 1.46 -29.55 -6.17
N THR A 157 1.78 -30.78 -5.78
CA THR A 157 1.85 -31.88 -6.74
C THR A 157 0.45 -32.39 -7.05
N ASN A 158 -0.51 -32.01 -6.21
CA ASN A 158 -1.91 -32.33 -6.44
C ASN A 158 -2.57 -31.21 -7.22
N ASN A 159 -2.83 -31.46 -8.51
CA ASN A 159 -3.48 -30.48 -9.38
C ASN A 159 -4.92 -30.22 -8.97
N ALA A 160 -5.44 -31.05 -8.07
CA ALA A 160 -6.80 -30.91 -7.57
C ALA A 160 -6.88 -30.00 -6.35
N LYS A 161 -5.72 -29.67 -5.77
CA LYS A 161 -5.70 -28.83 -4.57
C LYS A 161 -5.54 -27.35 -4.91
N THR A 162 -6.43 -26.53 -4.35
CA THR A 162 -6.43 -25.08 -4.57
C THR A 162 -5.12 -24.44 -4.10
N ILE A 163 -4.57 -23.55 -4.92
CA ILE A 163 -3.34 -22.84 -4.58
C ILE A 163 -3.64 -21.42 -4.14
N ILE A 164 -3.14 -21.03 -2.97
CA ILE A 164 -3.28 -19.65 -2.50
C ILE A 164 -1.99 -18.88 -2.73
N VAL A 165 -2.05 -17.83 -3.54
CA VAL A 165 -0.88 -16.99 -3.79
C VAL A 165 -0.95 -15.73 -2.94
N HIS A 166 -0.10 -15.65 -1.92
CA HIS A 166 -0.03 -14.46 -1.08
C HIS A 166 0.93 -13.44 -1.66
N LEU A 167 0.38 -12.30 -2.10
CA LEU A 167 1.16 -11.22 -2.68
C LEU A 167 1.70 -10.29 -1.60
N ASN A 168 2.74 -9.53 -1.93
CA ASN A 168 3.34 -8.58 -0.98
C ASN A 168 3.07 -7.13 -1.38
N GLU A 169 2.86 -6.89 -2.67
CA GLU A 169 2.48 -5.56 -3.14
C GLU A 169 1.06 -5.58 -3.70
N SER A 170 0.17 -4.83 -3.06
CA SER A 170 -1.24 -4.79 -3.45
C SER A 170 -1.42 -4.25 -4.87
N VAL A 171 -2.38 -4.82 -5.60
CA VAL A 171 -2.72 -4.35 -6.93
C VAL A 171 -4.15 -3.80 -6.94
N ASN A 172 -4.28 -2.48 -7.09
CA ASN A 172 -5.60 -1.85 -7.03
C ASN A 172 -6.52 -2.31 -8.17
N ILE A 173 -7.79 -2.46 -7.83
CA ILE A 173 -8.83 -2.80 -8.82
C ILE A 173 -10.06 -1.92 -8.54
N VAL A 174 -10.56 -1.26 -9.58
CA VAL A 174 -11.71 -0.36 -9.41
C VAL A 174 -12.90 -0.79 -10.27
N CYS A 175 -13.93 -1.34 -9.63
CA CYS A 175 -15.10 -1.86 -10.35
C CYS A 175 -16.25 -0.87 -10.26
N THR A 176 -17.00 -0.70 -11.35
CA THR A 176 -18.04 0.31 -11.40
C THR A 176 -19.17 -0.01 -12.37
N ARG A 177 -20.40 0.18 -11.88
CA ARG A 177 -21.55 0.35 -12.75
C ARG A 177 -21.91 1.83 -12.70
N PRO A 178 -21.68 2.54 -13.82
CA PRO A 178 -21.84 4.00 -13.90
C PRO A 178 -23.28 4.46 -13.68
N ASN A 179 -23.46 5.77 -13.50
CA ASN A 179 -24.78 6.34 -13.29
C ASN A 179 -25.63 6.32 -14.56
N ASN A 188 -27.85 -0.27 -20.18
CA ASN A 188 -27.99 -1.46 -19.35
C ASN A 188 -27.60 -1.18 -17.91
N ILE A 189 -28.55 -1.38 -16.99
CA ILE A 189 -28.36 -1.09 -15.57
C ILE A 189 -27.65 -2.23 -14.84
N ARG A 190 -27.28 -3.27 -15.57
CA ARG A 190 -26.54 -4.40 -15.00
C ARG A 190 -25.16 -4.47 -15.63
N GLN A 191 -24.90 -3.54 -16.54
CA GLN A 191 -23.62 -3.44 -17.23
C GLN A 191 -22.58 -2.72 -16.37
N ALA A 192 -21.49 -3.42 -16.07
CA ALA A 192 -20.43 -2.82 -15.26
C ALA A 192 -19.05 -3.16 -15.83
N HIS A 193 -18.01 -2.60 -15.24
CA HIS A 193 -16.64 -2.86 -15.70
C HIS A 193 -15.59 -2.54 -14.63
N CYS A 194 -14.48 -3.28 -14.66
CA CYS A 194 -13.40 -3.07 -13.72
C CYS A 194 -12.15 -2.54 -14.39
N ASN A 195 -11.40 -1.68 -13.68
CA ASN A 195 -10.15 -1.16 -14.19
C ASN A 195 -8.97 -1.59 -13.33
N ILE A 196 -7.98 -2.20 -14.00
CA ILE A 196 -6.73 -2.63 -13.36
C ILE A 196 -5.56 -2.26 -14.26
N ASN A 197 -4.56 -1.56 -13.72
CA ASN A 197 -3.42 -1.15 -14.52
C ASN A 197 -2.60 -2.35 -15.01
N GLU A 198 -2.13 -2.27 -16.25
CA GLU A 198 -1.42 -3.38 -16.90
C GLU A 198 -0.01 -3.60 -16.38
N SER A 199 0.66 -2.53 -15.97
CA SER A 199 2.07 -2.64 -15.58
C SER A 199 2.24 -3.34 -14.23
N LYS A 200 1.39 -2.99 -13.27
CA LYS A 200 1.43 -3.62 -11.94
C LYS A 200 0.98 -5.08 -12.04
N TRP A 201 0.11 -5.36 -13.01
CA TRP A 201 -0.34 -6.73 -13.25
C TRP A 201 0.73 -7.58 -13.94
N ASN A 202 1.40 -6.98 -14.92
CA ASN A 202 2.53 -7.61 -15.62
C ASN A 202 3.61 -7.96 -14.61
N ASN A 203 4.00 -6.96 -13.82
CA ASN A 203 4.95 -7.16 -12.73
C ASN A 203 4.53 -8.28 -11.79
N THR A 204 3.28 -8.21 -11.33
CA THR A 204 2.74 -9.20 -10.41
C THR A 204 2.83 -10.62 -10.96
N LEU A 205 2.35 -10.80 -12.19
CA LEU A 205 2.34 -12.13 -12.80
C LEU A 205 3.74 -12.60 -13.20
N GLN A 206 4.67 -11.68 -13.35
CA GLN A 206 6.05 -12.06 -13.63
C GLN A 206 6.72 -12.57 -12.35
N LYS A 207 6.58 -11.83 -11.26
CA LYS A 207 7.14 -12.27 -9.98
C LYS A 207 6.49 -13.56 -9.48
N VAL A 208 5.16 -13.61 -9.54
CA VAL A 208 4.42 -14.84 -9.21
C VAL A 208 4.88 -15.97 -10.11
N GLY A 209 5.04 -15.69 -11.39
CA GLY A 209 5.53 -16.66 -12.34
C GLY A 209 6.90 -17.22 -11.96
N GLU A 210 7.75 -16.35 -11.43
CA GLU A 210 9.07 -16.77 -10.95
C GLU A 210 8.94 -17.69 -9.73
N GLU A 211 8.10 -17.29 -8.77
CA GLU A 211 7.86 -18.10 -7.59
C GLU A 211 7.29 -19.48 -7.93
N LEU A 212 6.49 -19.53 -9.00
CA LEU A 212 5.94 -20.80 -9.48
C LEU A 212 7.03 -21.62 -10.17
N ALA A 213 7.88 -20.95 -10.93
CA ALA A 213 9.02 -21.58 -11.59
C ALA A 213 9.97 -22.20 -10.56
N LYS A 214 9.97 -21.63 -9.36
CA LYS A 214 10.75 -22.15 -8.25
C LYS A 214 10.33 -23.59 -7.91
N HIS A 215 9.03 -23.78 -7.71
CA HIS A 215 8.49 -25.08 -7.32
C HIS A 215 8.33 -26.03 -8.50
N PHE A 216 8.37 -25.48 -9.71
CA PHE A 216 8.34 -26.29 -10.92
C PHE A 216 9.57 -26.00 -11.75
N PRO A 217 10.65 -26.78 -11.53
CA PRO A 217 12.04 -26.59 -11.98
C PRO A 217 12.19 -25.45 -12.99
N SER A 218 11.74 -25.69 -14.21
CA SER A 218 11.44 -24.61 -15.16
C SER A 218 10.85 -25.18 -16.45
N LYS A 219 9.53 -25.25 -16.50
CA LYS A 219 8.83 -25.53 -17.75
C LYS A 219 8.13 -24.24 -18.16
N THR A 220 7.46 -24.24 -19.31
CA THR A 220 6.75 -23.04 -19.76
C THR A 220 5.50 -22.81 -18.90
N ILE A 221 5.51 -21.74 -18.11
CA ILE A 221 4.40 -21.50 -17.18
C ILE A 221 3.34 -20.58 -17.78
N LYS A 222 2.20 -21.16 -18.15
CA LYS A 222 1.14 -20.37 -18.77
C LYS A 222 0.07 -19.94 -17.76
N PHE A 223 -0.48 -18.74 -17.98
CA PHE A 223 -1.61 -18.24 -17.21
C PHE A 223 -2.82 -18.13 -18.12
N GLU A 224 -3.81 -19.00 -17.91
CA GLU A 224 -5.00 -19.07 -18.76
C GLU A 224 -6.26 -18.91 -17.93
N PRO A 225 -7.37 -18.48 -18.56
CA PRO A 225 -8.66 -18.34 -17.87
C PRO A 225 -9.17 -19.65 -17.27
N SER A 226 -10.20 -19.57 -16.45
CA SER A 226 -10.78 -20.76 -15.80
C SER A 226 -11.32 -21.74 -16.85
N SER A 227 -11.30 -23.03 -16.51
CA SER A 227 -11.78 -24.07 -17.41
C SER A 227 -13.26 -23.91 -17.71
N GLY A 228 -14.08 -24.01 -16.66
CA GLY A 228 -15.52 -23.89 -16.79
C GLY A 228 -16.20 -24.02 -15.44
N GLY A 229 -17.53 -24.13 -15.47
CA GLY A 229 -18.31 -24.20 -14.25
C GLY A 229 -19.23 -23.01 -14.12
N ASP A 230 -19.78 -22.82 -12.92
CA ASP A 230 -20.72 -21.73 -12.66
C ASP A 230 -20.05 -20.36 -12.83
N LEU A 231 -20.85 -19.33 -13.10
CA LEU A 231 -20.33 -17.99 -13.31
C LEU A 231 -19.58 -17.46 -12.10
N GLU A 232 -19.92 -17.95 -10.92
CA GLU A 232 -19.30 -17.51 -9.69
C GLU A 232 -17.80 -17.79 -9.66
N ILE A 233 -17.38 -18.95 -10.17
CA ILE A 233 -15.97 -19.34 -10.13
C ILE A 233 -15.26 -19.16 -11.48
N THR A 234 -16.01 -19.09 -12.57
CA THR A 234 -15.42 -18.84 -13.89
C THR A 234 -15.08 -17.37 -14.04
N THR A 235 -15.62 -16.54 -13.14
CA THR A 235 -15.33 -15.11 -13.14
C THR A 235 -14.96 -14.63 -11.74
N HIS A 236 -14.30 -13.48 -11.68
CA HIS A 236 -14.08 -12.81 -10.40
C HIS A 236 -15.43 -12.30 -9.89
N SER A 237 -16.08 -13.11 -9.05
CA SER A 237 -17.34 -12.71 -8.44
C SER A 237 -17.09 -12.15 -7.05
N PHE A 238 -17.81 -11.09 -6.71
CA PHE A 238 -17.65 -10.45 -5.40
C PHE A 238 -18.86 -9.57 -5.08
N ASN A 239 -18.87 -9.01 -3.88
CA ASN A 239 -19.98 -8.16 -3.47
C ASN A 239 -19.57 -6.71 -3.25
N CYS A 240 -20.28 -5.80 -3.92
CA CYS A 240 -20.04 -4.37 -3.79
C CYS A 240 -21.35 -3.66 -3.46
N ARG A 241 -21.42 -3.14 -2.23
CA ARG A 241 -22.61 -2.42 -1.73
C ARG A 241 -23.87 -3.26 -1.82
N GLY A 242 -23.77 -4.54 -1.48
CA GLY A 242 -24.91 -5.44 -1.57
C GLY A 242 -25.14 -6.01 -2.97
N GLU A 243 -24.57 -5.35 -3.98
CA GLU A 243 -24.77 -5.77 -5.36
C GLU A 243 -23.73 -6.81 -5.80
N PHE A 244 -24.17 -7.85 -6.48
CA PHE A 244 -23.30 -8.96 -6.82
C PHE A 244 -22.64 -8.80 -8.21
N PHE A 245 -21.33 -8.56 -8.19
CA PHE A 245 -20.57 -8.35 -9.41
C PHE A 245 -19.92 -9.63 -9.92
N TYR A 246 -20.21 -9.97 -11.17
CA TYR A 246 -19.50 -11.04 -11.86
C TYR A 246 -18.61 -10.40 -12.93
N CYS A 247 -17.32 -10.29 -12.63
CA CYS A 247 -16.39 -9.60 -13.53
C CYS A 247 -15.48 -10.56 -14.27
N ASN A 248 -15.23 -10.27 -15.54
CA ASN A 248 -14.48 -11.15 -16.42
C ASN A 248 -12.97 -11.04 -16.30
N THR A 249 -12.29 -12.19 -16.28
CA THR A 249 -10.83 -12.19 -16.17
C THR A 249 -10.17 -12.98 -17.32
N SER A 250 -10.77 -12.94 -18.51
CA SER A 250 -10.19 -13.60 -19.67
C SER A 250 -9.02 -12.80 -20.23
N ASP A 251 -9.10 -11.47 -20.08
CA ASP A 251 -8.01 -10.59 -20.48
C ASP A 251 -7.16 -10.22 -19.27
N LEU A 252 -7.33 -10.96 -18.19
CA LEU A 252 -6.53 -10.78 -16.98
C LEU A 252 -5.59 -11.96 -16.78
N PHE A 253 -6.16 -13.12 -16.47
CA PHE A 253 -5.36 -14.34 -16.37
C PHE A 253 -5.01 -14.84 -17.76
N ASN A 254 -4.00 -14.18 -18.33
CA ASN A 254 -3.64 -14.36 -19.72
C ASN A 254 -2.19 -14.03 -19.95
N GLY A 255 -1.37 -15.03 -20.27
CA GLY A 255 0.02 -14.77 -20.56
C GLY A 255 0.93 -15.96 -20.48
N THR A 256 2.20 -15.74 -20.80
CA THR A 256 3.18 -16.82 -20.80
C THR A 256 4.49 -16.42 -20.14
N TYR A 257 4.87 -17.18 -19.12
CA TYR A 257 6.16 -17.04 -18.47
C TYR A 257 7.13 -18.07 -19.04
N ARG A 258 8.22 -17.56 -19.62
CA ARG A 258 9.22 -18.39 -20.28
C ARG A 258 10.60 -17.74 -20.14
N ASN A 259 11.64 -18.57 -20.09
CA ASN A 259 13.04 -18.16 -19.86
C ASN A 259 13.24 -16.90 -19.00
N GLY A 260 12.53 -16.81 -17.88
CA GLY A 260 12.73 -15.75 -16.92
C GLY A 260 11.87 -14.52 -17.08
N THR A 261 11.21 -14.38 -18.24
CA THR A 261 10.37 -13.22 -18.51
C THR A 261 8.91 -13.61 -18.72
N TYR A 262 8.01 -12.71 -18.34
CA TYR A 262 6.59 -12.91 -18.55
C TYR A 262 6.04 -11.97 -19.62
N ASN A 263 5.29 -12.52 -20.56
CA ASN A 263 4.66 -11.74 -21.61
C ASN A 263 3.14 -11.85 -21.52
N HIS A 264 2.47 -10.71 -21.33
CA HIS A 264 1.01 -10.69 -21.26
C HIS A 264 0.42 -10.81 -22.65
N THR A 265 -0.62 -11.64 -22.78
CA THR A 265 -1.25 -11.90 -24.06
C THR A 265 -2.69 -11.39 -24.07
N GLY A 266 -3.08 -10.73 -22.98
CA GLY A 266 -4.41 -10.17 -22.86
C GLY A 266 -4.55 -8.83 -23.56
N ARG A 267 -5.79 -8.44 -23.82
CA ARG A 267 -6.06 -7.17 -24.49
C ARG A 267 -5.97 -6.00 -23.52
N SER A 268 -5.71 -4.81 -24.04
CA SER A 268 -5.64 -3.60 -23.23
C SER A 268 -5.66 -2.35 -24.11
N SER A 269 -5.76 -1.20 -23.46
CA SER A 269 -5.76 0.08 -24.16
C SER A 269 -5.28 1.18 -23.23
N ASN A 270 -4.21 1.86 -23.64
CA ASN A 270 -3.59 2.95 -22.87
C ASN A 270 -3.12 2.52 -21.49
N GLY A 271 -2.62 1.28 -21.40
CA GLY A 271 -2.02 0.78 -20.17
C GLY A 271 -3.00 0.36 -19.09
N THR A 272 -4.27 0.21 -19.43
CA THR A 272 -5.29 -0.18 -18.46
C THR A 272 -6.16 -1.33 -18.95
N ILE A 273 -6.10 -2.45 -18.23
CA ILE A 273 -6.98 -3.60 -18.48
C ILE A 273 -8.38 -3.32 -17.96
N THR A 274 -9.38 -3.55 -18.80
CA THR A 274 -10.77 -3.37 -18.44
C THR A 274 -11.55 -4.68 -18.49
N LEU A 275 -12.03 -5.11 -17.33
CA LEU A 275 -12.82 -6.33 -17.19
C LEU A 275 -14.30 -6.04 -17.46
N GLN A 276 -14.96 -6.90 -18.22
CA GLN A 276 -16.40 -6.73 -18.44
C GLN A 276 -17.19 -7.42 -17.34
N CYS A 277 -17.92 -6.61 -16.57
CA CYS A 277 -18.67 -7.11 -15.43
C CYS A 277 -20.17 -7.05 -15.65
N LYS A 278 -20.89 -7.97 -15.02
CA LYS A 278 -22.35 -7.89 -14.97
C LYS A 278 -22.86 -8.13 -13.55
N ILE A 279 -23.84 -7.32 -13.13
CA ILE A 279 -24.51 -7.51 -11.85
C ILE A 279 -25.64 -8.51 -12.04
N LYS A 280 -25.62 -9.58 -11.26
CA LYS A 280 -26.62 -10.65 -11.38
C LYS A 280 -27.50 -10.72 -10.15
N GLN A 281 -28.74 -11.15 -10.32
CA GLN A 281 -29.65 -11.12 -9.19
C GLN A 281 -29.68 -12.54 -8.69
N ILE A 282 -29.65 -13.48 -9.64
CA ILE A 282 -29.61 -14.91 -9.35
C ILE A 282 -28.19 -15.40 -9.05
N ILE A 283 -27.97 -15.74 -7.79
CA ILE A 283 -26.62 -16.09 -7.31
C ILE A 283 -26.50 -17.59 -7.07
CA ASN A 284 -25.36 -20.71 -6.47
C ASN A 284 -24.81 -19.80 -5.39
N MET A 285 -25.28 -19.96 -4.16
CA MET A 285 -24.72 -19.25 -3.02
C MET A 285 -23.35 -19.84 -2.69
N TRP A 286 -22.63 -19.25 -1.73
CA TRP A 286 -21.37 -19.82 -1.31
C TRP A 286 -21.53 -20.53 0.03
N GLN A 287 -22.56 -20.12 0.77
CA GLN A 287 -22.90 -20.71 2.05
C GLN A 287 -23.24 -22.19 1.91
N GLU A 288 -24.34 -22.47 1.21
CA GLU A 288 -24.78 -23.83 0.96
C GLU A 288 -25.08 -24.04 -0.52
N VAL A 289 -25.36 -25.28 -0.90
CA VAL A 289 -25.75 -25.59 -2.28
C VAL A 289 -27.21 -25.17 -2.51
N GLY A 290 -27.40 -24.13 -3.31
CA GLY A 290 -28.72 -23.60 -3.59
C GLY A 290 -28.63 -22.26 -4.31
N ARG A 291 -29.69 -21.90 -5.02
CA ARG A 291 -29.70 -20.65 -5.78
N ALA A 292 -29.73 -17.91 -4.41
CA ALA A 292 -30.52 -16.79 -3.91
C ALA A 292 -30.88 -15.85 -5.05
N ILE A 293 -32.06 -15.24 -4.98
CA ILE A 293 -32.48 -14.28 -5.99
C ILE A 293 -32.76 -12.93 -5.35
N TYR A 294 -32.00 -11.90 -5.74
CA TYR A 294 -32.11 -10.59 -5.12
C TYR A 294 -32.92 -9.61 -5.97
N ALA A 295 -33.19 -8.44 -5.41
CA ALA A 295 -33.83 -7.35 -6.15
C ALA A 295 -32.84 -6.77 -7.16
N PRO A 296 -33.36 -6.13 -8.23
CA PRO A 296 -32.51 -5.43 -9.21
C PRO A 296 -31.54 -4.45 -8.58
N PRO A 297 -30.44 -4.14 -9.27
CA PRO A 297 -29.42 -3.25 -8.69
C PRO A 297 -29.96 -1.86 -8.34
N ILE A 298 -29.49 -1.31 -7.23
CA ILE A 298 -29.81 0.06 -6.82
C ILE A 298 -29.46 1.05 -7.93
N GLU A 299 -30.05 2.23 -7.89
CA GLU A 299 -29.76 3.25 -8.89
C GLU A 299 -28.61 4.15 -8.45
N GLY A 300 -27.94 4.77 -9.41
CA GLY A 300 -26.80 5.62 -9.12
C GLY A 300 -25.49 4.90 -9.37
N GLU A 301 -24.37 5.60 -9.15
CA GLU A 301 -23.06 5.02 -9.37
C GLU A 301 -22.73 3.95 -8.33
N ILE A 302 -22.53 2.71 -8.78
CA ILE A 302 -22.13 1.64 -7.88
C ILE A 302 -20.65 1.31 -8.09
N THR A 303 -19.78 1.81 -7.21
CA THR A 303 -18.35 1.61 -7.41
C THR A 303 -17.63 1.11 -6.17
N CYS A 304 -16.72 0.15 -6.36
CA CYS A 304 -15.85 -0.33 -5.30
C CYS A 304 -14.39 -0.19 -5.70
N ASN A 305 -13.61 0.42 -4.80
CA ASN A 305 -12.18 0.55 -4.98
C ASN A 305 -11.48 -0.39 -4.00
N SER A 306 -10.98 -1.51 -4.52
CA SER A 306 -10.45 -2.56 -3.65
C SER A 306 -8.99 -2.89 -3.96
N ASN A 307 -8.32 -3.52 -2.99
CA ASN A 307 -6.94 -3.93 -3.18
C ASN A 307 -6.80 -5.44 -3.35
N ILE A 308 -6.27 -5.87 -4.49
CA ILE A 308 -5.93 -7.27 -4.70
C ILE A 308 -4.69 -7.59 -3.86
N THR A 309 -4.85 -8.54 -2.93
CA THR A 309 -3.77 -8.91 -2.02
C THR A 309 -3.43 -10.39 -2.13
N GLY A 310 -4.06 -11.07 -3.10
CA GLY A 310 -3.86 -12.50 -3.26
C GLY A 310 -4.53 -13.10 -4.48
N LEU A 311 -4.15 -14.34 -4.79
CA LEU A 311 -4.72 -15.05 -5.93
C LEU A 311 -5.17 -16.47 -5.54
N LEU A 312 -6.17 -16.98 -6.26
CA LEU A 312 -6.64 -18.34 -6.08
C LEU A 312 -6.45 -19.09 -7.39
N LEU A 313 -5.58 -20.09 -7.39
CA LEU A 313 -5.20 -20.77 -8.62
C LEU A 313 -5.47 -22.26 -8.61
N LEU A 314 -5.58 -22.82 -9.81
CA LEU A 314 -5.73 -24.25 -10.04
C LEU A 314 -4.81 -24.65 -11.19
N ARG A 315 -4.05 -25.71 -10.97
CA ARG A 315 -3.14 -26.22 -12.00
C ARG A 315 -3.78 -27.39 -12.74
N ASP A 316 -3.56 -27.45 -14.05
CA ASP A 316 -4.12 -28.50 -14.88
C ASP A 316 -3.32 -29.80 -14.75
N ASP A 323 5.76 -30.37 -20.67
CA ASP A 323 6.79 -29.36 -20.50
C ASP A 323 6.18 -27.96 -20.37
N THR A 324 4.88 -27.91 -20.08
CA THR A 324 4.21 -26.64 -19.78
C THR A 324 3.26 -26.81 -18.60
N GLU A 325 3.32 -25.89 -17.64
CA GLU A 325 2.38 -25.91 -16.52
C GLU A 325 1.39 -24.76 -16.64
N THR A 326 0.12 -25.12 -16.75
CA THR A 326 -0.94 -24.12 -16.96
C THR A 326 -1.67 -23.82 -15.66
N PHE A 327 -1.89 -22.54 -15.38
CA PHE A 327 -2.55 -22.11 -14.17
C PHE A 327 -3.76 -21.24 -14.47
N ARG A 328 -4.86 -21.51 -13.77
CA ARG A 328 -6.13 -20.83 -14.01
C ARG A 328 -6.68 -20.26 -12.72
N PRO A 329 -7.46 -19.16 -12.80
CA PRO A 329 -8.01 -18.63 -11.56
C PRO A 329 -9.03 -19.57 -10.94
N GLY A 330 -8.94 -19.76 -9.63
CA GLY A 330 -9.87 -20.64 -8.93
C GLY A 330 -10.54 -19.92 -7.79
CA GLY A 331 -12.05 -20.24 -4.92
C GLY A 331 -13.36 -20.93 -5.24
N GLY A 332 -14.44 -20.35 -4.76
CA GLY A 332 -15.74 -21.01 -4.79
C GLY A 332 -16.03 -21.54 -3.40
N ASP A 333 -14.97 -21.95 -2.70
CA ASP A 333 -15.07 -22.38 -1.31
C ASP A 333 -14.53 -21.27 -0.40
N MET A 334 -15.32 -20.22 -0.22
CA MET A 334 -14.92 -19.07 0.59
N ARG A 335 -14.03 -21.14 2.61
CA ARG A 335 -13.05 -21.33 3.65
C ARG A 335 -11.65 -20.89 3.22
N ASP A 336 -11.28 -21.20 1.98
CA ASP A 336 -9.95 -20.86 1.44
C ASP A 336 -9.61 -19.38 1.63
N ASN A 337 -10.59 -18.52 1.38
CA ASN A 337 -10.45 -17.09 1.63
C ASN A 337 -10.08 -16.81 3.09
N TRP A 338 -10.66 -17.57 4.00
CA TRP A 338 -10.34 -17.41 5.42
C TRP A 338 -8.98 -18.00 5.77
N ARG A 339 -8.59 -19.07 5.07
CA ARG A 339 -7.26 -19.65 5.24
C ARG A 339 -6.19 -18.66 4.80
N SER A 340 -6.54 -17.79 3.87
CA SER A 340 -5.59 -16.79 3.36
C SER A 340 -5.09 -15.85 4.45
N GLU A 341 -5.90 -15.68 5.50
CA GLU A 341 -5.56 -14.78 6.59
C GLU A 341 -5.35 -15.50 7.93
N LEU A 342 -5.85 -16.73 8.04
CA LEU A 342 -5.77 -17.49 9.28
C LEU A 342 -4.68 -18.57 9.23
N TYR A 343 -3.77 -18.46 8.27
CA TYR A 343 -2.74 -19.48 8.06
C TYR A 343 -1.66 -19.46 9.15
N LYS A 344 -1.39 -18.29 9.70
CA LYS A 344 -0.30 -18.13 10.66
C LYS A 344 -0.70 -18.49 12.09
N TYR A 345 -1.97 -18.80 12.30
CA TYR A 345 -2.48 -19.07 13.64
C TYR A 345 -2.71 -20.56 13.93
N LYS A 346 -2.67 -20.91 15.21
CA LYS A 346 -3.11 -22.23 15.68
C LYS A 346 -3.50 -22.19 17.16
N VAL A 347 -4.78 -22.39 17.44
CA VAL A 347 -5.28 -22.42 18.81
C VAL A 347 -4.64 -23.57 19.61
N VAL A 348 -4.16 -23.25 20.82
CA VAL A 348 -3.42 -24.23 21.61
C VAL A 348 -3.83 -24.22 23.09
N GLU A 349 -3.62 -25.37 23.73
CA GLU A 349 -3.93 -25.57 25.15
C GLU A 349 -3.30 -24.51 26.06
N LYS B 1 -6.56 31.72 -3.69
CA LYS B 1 -6.37 31.29 -2.31
C LYS B 1 -7.70 30.98 -1.64
N THR B 2 -7.79 29.77 -1.09
CA THR B 2 -8.91 29.37 -0.23
C THR B 2 -8.40 28.50 0.91
N THR B 3 -9.33 27.88 1.64
CA THR B 3 -8.96 26.99 2.74
C THR B 3 -9.30 25.56 2.35
N LEU B 4 -8.31 24.84 1.82
CA LEU B 4 -8.48 23.48 1.34
C LEU B 4 -8.87 22.52 2.45
N PHE B 5 -9.33 21.32 2.06
CA PHE B 5 -9.66 20.29 3.04
C PHE B 5 -9.13 18.93 2.57
N CYS B 6 -8.68 18.11 3.51
CA CYS B 6 -8.03 16.84 3.17
C CYS B 6 -9.03 15.70 2.94
N ALA B 7 -8.63 14.73 2.14
CA ALA B 7 -9.42 13.53 1.90
C ALA B 7 -8.52 12.30 1.95
N SER B 8 -9.02 11.21 2.54
CA SER B 8 -8.22 10.01 2.69
C SER B 8 -9.06 8.75 2.88
N ASP B 9 -8.44 7.59 2.68
CA ASP B 9 -9.08 6.31 2.97
C ASP B 9 -8.69 5.87 4.37
N ALA B 10 -8.72 6.80 5.32
CA ALA B 10 -8.37 6.53 6.70
C ALA B 10 -9.38 5.61 7.38
N LYS B 11 -8.88 4.61 8.09
CA LYS B 11 -9.72 3.64 8.78
C LYS B 11 -9.88 4.00 10.27
N ALA B 12 -11.13 4.11 10.71
CA ALA B 12 -11.44 4.54 12.08
C ALA B 12 -11.11 3.48 13.12
N TYR B 13 -10.94 2.24 12.68
CA TYR B 13 -10.58 1.14 13.57
C TYR B 13 -9.06 0.99 13.67
N GLU B 14 -8.35 1.69 12.80
CA GLU B 14 -6.89 1.64 12.79
C GLU B 14 -6.31 2.56 13.87
N LYS B 15 -5.40 2.03 14.68
CA LYS B 15 -4.77 2.80 15.74
C LYS B 15 -3.46 3.42 15.27
N GLU B 16 -3.14 3.25 14.00
CA GLU B 16 -2.01 3.94 13.39
C GLU B 16 -2.32 5.43 13.34
N VAL B 17 -1.34 6.26 13.71
CA VAL B 17 -1.58 7.67 14.02
C VAL B 17 -2.00 8.53 12.82
N HIS B 18 -1.55 8.19 11.61
CA HIS B 18 -2.01 8.90 10.42
C HIS B 18 -3.51 8.68 10.23
N ASN B 19 -3.96 7.45 10.48
CA ASN B 19 -5.38 7.12 10.43
C ASN B 19 -6.15 7.84 11.54
N VAL B 20 -5.63 7.76 12.77
CA VAL B 20 -6.23 8.43 13.93
C VAL B 20 -6.46 9.91 13.68
N TRP B 21 -5.45 10.57 13.11
CA TRP B 21 -5.54 11.99 12.78
C TRP B 21 -6.47 12.27 11.62
N ALA B 22 -6.30 11.56 10.52
CA ALA B 22 -7.06 11.80 9.30
C ALA B 22 -8.57 11.53 9.47
N THR B 23 -8.93 10.54 10.28
CA THR B 23 -10.35 10.23 10.51
C THR B 23 -11.09 11.39 11.18
N HIS B 24 -10.38 12.18 11.98
CA HIS B 24 -10.99 13.32 12.67
C HIS B 24 -10.54 14.65 12.07
N ALA B 25 -9.75 14.60 11.00
CA ALA B 25 -9.29 15.83 10.33
C ALA B 25 -9.65 15.84 8.85
N CYS B 26 -9.75 14.67 8.23
CA CYS B 26 -10.04 14.57 6.80
C CYS B 26 -11.43 13.98 6.55
N VAL B 27 -11.90 14.10 5.31
CA VAL B 27 -13.17 13.52 4.90
C VAL B 27 -12.92 12.31 3.99
N PRO B 28 -13.87 11.36 3.96
CA PRO B 28 -13.75 10.17 3.11
C PRO B 28 -13.44 10.50 1.63
N THR B 29 -12.77 9.58 0.95
CA THR B 29 -12.24 9.80 -0.39
C THR B 29 -13.33 9.84 -1.47
N ASP B 30 -12.97 10.39 -2.63
CA ASP B 30 -13.71 10.17 -3.85
C ASP B 30 -13.17 8.85 -4.43
N PRO B 31 -14.02 7.81 -4.48
CA PRO B 31 -13.56 6.48 -4.89
C PRO B 31 -13.53 6.29 -6.42
N ASN B 32 -14.01 7.28 -7.15
CA ASN B 32 -13.96 7.26 -8.62
C ASN B 32 -13.98 8.68 -9.18
N PRO B 33 -12.91 9.45 -8.93
CA PRO B 33 -12.88 10.87 -9.30
C PRO B 33 -12.86 11.09 -10.81
N GLN B 34 -13.54 12.14 -11.26
CA GLN B 34 -13.56 12.50 -12.67
C GLN B 34 -12.81 13.81 -12.89
N GLU B 35 -11.79 13.77 -13.73
CA GLU B 35 -11.03 14.96 -14.07
C GLU B 35 -11.51 15.53 -15.40
N MET B 36 -11.44 16.85 -15.52
CA MET B 36 -11.86 17.52 -16.74
C MET B 36 -10.66 18.09 -17.48
N VAL B 37 -10.24 17.42 -18.54
CA VAL B 37 -9.08 17.88 -19.31
C VAL B 37 -9.51 18.98 -20.28
N LEU B 38 -8.60 19.91 -20.54
CA LEU B 38 -8.91 21.07 -21.36
C LEU B 38 -8.03 21.15 -22.60
N ALA B 39 -8.50 21.89 -23.60
CA ALA B 39 -7.68 22.29 -24.73
C ALA B 39 -7.46 23.78 -24.62
N ASN B 40 -7.04 24.40 -25.73
CA ASN B 40 -6.82 25.86 -25.84
C ASN B 40 -6.62 26.65 -24.54
N VAL B 41 -5.75 26.13 -23.66
CA VAL B 41 -5.38 26.84 -22.45
C VAL B 41 -3.87 26.82 -22.25
N THR B 42 -3.33 27.93 -21.75
CA THR B 42 -1.92 28.02 -21.40
C THR B 42 -1.75 28.71 -20.05
N GLU B 43 -1.43 27.93 -19.03
CA GLU B 43 -1.46 28.46 -17.67
C GLU B 43 -0.10 28.46 -16.99
N ASN B 44 0.09 29.44 -16.10
CA ASN B 44 1.33 29.59 -15.37
C ASN B 44 1.29 28.91 -14.01
N PHE B 45 2.34 28.15 -13.70
CA PHE B 45 2.47 27.51 -12.40
C PHE B 45 3.78 27.94 -11.74
N ASN B 46 3.78 27.92 -10.41
CA ASN B 46 5.00 28.15 -9.64
C ASN B 46 4.99 27.29 -8.39
N MET B 47 5.65 26.14 -8.47
CA MET B 47 5.71 25.19 -7.36
C MET B 47 6.44 25.75 -6.14
N TRP B 48 7.06 26.93 -6.29
CA TRP B 48 7.86 27.51 -5.22
C TRP B 48 7.16 28.63 -4.46
N LYS B 49 5.93 28.94 -4.84
CA LYS B 49 5.13 29.93 -4.13
C LYS B 49 3.66 29.52 -4.11
N ASN B 50 3.43 28.21 -3.97
CA ASN B 50 2.08 27.67 -3.84
C ASN B 50 1.66 27.58 -2.39
N ASP B 51 0.39 27.91 -2.11
CA ASP B 51 -0.12 27.94 -0.75
C ASP B 51 -0.52 26.54 -0.28
N MET B 52 -0.84 25.67 -1.24
CA MET B 52 -1.18 24.27 -0.95
C MET B 52 -0.05 23.61 -0.15
N VAL B 53 1.17 23.83 -0.63
CA VAL B 53 2.39 23.38 0.06
C VAL B 53 2.38 23.80 1.51
N GLU B 54 2.03 25.06 1.76
CA GLU B 54 1.95 25.55 3.13
C GLU B 54 0.85 24.80 3.88
N GLN B 55 -0.42 25.05 3.57
CA GLN B 55 -1.54 24.37 4.26
C GLN B 55 -1.25 22.91 4.61
N MET B 56 -0.68 22.19 3.65
CA MET B 56 -0.23 20.82 3.89
C MET B 56 0.84 20.76 4.96
N HIS B 57 1.83 21.63 4.86
CA HIS B 57 2.89 21.73 5.87
C HIS B 57 2.29 21.94 7.26
N GLU B 58 1.40 22.92 7.39
CA GLU B 58 0.66 23.17 8.63
C GLU B 58 -0.04 21.92 9.18
N ASP B 59 -0.82 21.25 8.33
CA ASP B 59 -1.60 20.10 8.76
C ASP B 59 -0.73 18.87 9.11
N ILE B 60 0.42 18.74 8.46
CA ILE B 60 1.35 17.66 8.80
C ILE B 60 2.07 18.00 10.11
N ILE B 61 2.29 19.29 10.36
CA ILE B 61 2.83 19.74 11.64
C ILE B 61 1.85 19.41 12.75
N SER B 62 0.56 19.70 12.54
CA SER B 62 -0.46 19.35 13.52
C SER B 62 -0.52 17.84 13.72
N LEU B 63 -0.48 17.11 12.61
CA LEU B 63 -0.50 15.64 12.62
C LEU B 63 0.62 15.08 13.49
N TRP B 64 1.85 15.52 13.25
CA TRP B 64 3.00 15.11 14.03
C TRP B 64 2.89 15.55 15.48
N ASP B 65 2.33 16.74 15.70
CA ASP B 65 2.21 17.31 17.03
C ASP B 65 1.32 16.46 17.92
N GLU B 66 0.19 16.01 17.37
CA GLU B 66 -0.75 15.19 18.13
C GLU B 66 -0.34 13.72 18.16
N SER B 67 0.39 13.28 17.13
CA SER B 67 0.77 11.87 17.01
C SER B 67 2.08 11.55 17.73
N LEU B 68 3.19 12.07 17.22
CA LEU B 68 4.50 11.81 17.81
C LEU B 68 4.82 12.78 18.95
N LYS B 69 4.42 12.40 20.17
CA LYS B 69 4.68 13.23 21.34
C LYS B 69 5.96 12.77 22.06
N PRO B 70 6.93 13.69 22.19
CA PRO B 70 8.27 13.41 22.71
C PRO B 70 8.41 13.48 24.24
N CYS B 71 9.40 12.78 24.78
CA CYS B 71 9.83 12.93 26.17
C CYS B 71 9.91 14.41 26.54
N VAL B 72 10.92 15.06 25.97
CA VAL B 72 11.21 16.45 26.25
C VAL B 72 11.15 17.28 24.98
N LYS B 73 10.61 18.49 25.09
CA LYS B 73 10.64 19.46 24.00
C LYS B 73 11.32 20.72 24.52
N LEU B 74 12.59 20.86 24.16
CA LEU B 74 13.40 21.99 24.60
C LEU B 74 13.33 23.10 23.54
N THR B 75 13.27 24.34 23.99
CA THR B 75 13.21 25.49 23.08
C THR B 75 13.78 26.71 23.81
N GLY B 76 15.10 26.87 23.75
CA GLY B 76 15.78 27.99 24.37
C GLY B 76 15.50 28.19 25.84
N GLY B 77 16.10 27.37 26.69
CA GLY B 77 15.92 27.51 28.13
C GLY B 77 14.65 26.88 28.67
N SER B 78 13.55 26.98 27.93
CA SER B 78 12.28 26.42 28.37
C SER B 78 12.10 25.00 27.84
N ALA B 79 11.81 24.06 28.73
CA ALA B 79 11.63 22.66 28.33
C ALA B 79 10.30 22.11 28.82
N ILE B 80 9.60 21.40 27.94
CA ILE B 80 8.32 20.80 28.29
C ILE B 80 8.45 19.28 28.36
N THR B 81 7.81 18.65 29.35
CA THR B 81 7.82 17.19 29.44
C THR B 81 6.39 16.67 29.44
N GLN B 82 6.22 15.42 29.02
CA GLN B 82 4.91 14.77 28.98
C GLN B 82 5.06 13.30 28.57
N ALA B 83 3.96 12.56 28.64
CA ALA B 83 3.96 11.14 28.25
C ALA B 83 4.37 10.99 26.79
N CYS B 84 5.31 10.09 26.55
CA CYS B 84 5.82 9.85 25.20
C CYS B 84 5.66 8.39 24.77
N PRO B 85 4.41 7.95 24.58
CA PRO B 85 4.21 6.54 24.25
C PRO B 85 4.71 6.18 22.86
N LYS B 86 5.13 4.93 22.69
CA LYS B 86 5.45 4.41 21.35
C LYS B 86 4.15 4.15 20.60
N VAL B 87 4.14 4.48 19.32
CA VAL B 87 2.91 4.39 18.53
C VAL B 87 3.09 3.57 17.24
N SER B 88 1.98 3.34 16.54
CA SER B 88 2.04 2.71 15.22
C SER B 88 2.18 3.81 14.18
N PHE B 89 3.27 3.77 13.42
CA PHE B 89 3.59 4.85 12.47
C PHE B 89 3.84 4.33 11.07
N ASP B 90 2.96 4.68 10.14
CA ASP B 90 3.12 4.38 8.73
C ASP B 90 2.20 5.28 7.92
N PRO B 91 2.78 6.27 7.23
CA PRO B 91 2.07 7.30 6.46
C PRO B 91 1.05 6.74 5.47
N ILE B 92 -0.02 7.50 5.24
CA ILE B 92 -1.04 7.15 4.26
C ILE B 92 -1.23 8.33 3.31
N PRO B 93 -1.59 8.05 2.04
CA PRO B 93 -1.82 9.12 1.06
C PRO B 93 -2.86 10.13 1.51
N LEU B 94 -2.56 11.42 1.33
CA LEU B 94 -3.52 12.48 1.62
C LEU B 94 -3.83 13.26 0.34
N HIS B 95 -5.10 13.28 -0.04
CA HIS B 95 -5.52 14.10 -1.16
C HIS B 95 -5.89 15.48 -0.64
N TYR B 96 -5.56 16.53 -1.39
CA TYR B 96 -5.96 17.87 -0.98
C TYR B 96 -6.99 18.41 -1.93
N CYS B 97 -8.13 18.80 -1.36
CA CYS B 97 -9.32 19.13 -2.13
C CYS B 97 -9.73 20.59 -1.95
N ALA B 98 -10.23 21.18 -3.03
CA ALA B 98 -10.71 22.56 -3.02
C ALA B 98 -12.18 22.62 -2.65
N PRO B 99 -12.57 23.59 -1.80
CA PRO B 99 -13.96 23.76 -1.36
C PRO B 99 -14.88 24.19 -2.49
N ALA B 100 -16.16 24.43 -2.16
CA ALA B 100 -17.14 24.89 -3.14
C ALA B 100 -16.85 26.34 -3.55
N GLY B 101 -16.78 26.57 -4.86
CA GLY B 101 -16.46 27.89 -5.38
C GLY B 101 -15.04 27.95 -5.93
N PHE B 102 -14.22 26.98 -5.53
CA PHE B 102 -12.85 26.89 -6.01
C PHE B 102 -12.64 25.55 -6.73
N ALA B 103 -11.53 25.43 -7.45
CA ALA B 103 -11.20 24.18 -8.13
C ALA B 103 -9.68 24.01 -8.20
N ILE B 104 -9.21 22.84 -8.62
CA ILE B 104 -7.77 22.65 -8.72
C ILE B 104 -7.28 22.40 -10.15
N LEU B 105 -6.44 23.31 -10.65
CA LEU B 105 -5.80 23.13 -11.95
C LEU B 105 -4.64 22.15 -11.82
N LYS B 106 -4.43 21.36 -12.88
CA LYS B 106 -3.43 20.31 -12.88
C LYS B 106 -2.70 20.27 -14.23
N CYS B 107 -1.41 20.58 -14.23
CA CYS B 107 -0.62 20.52 -15.45
C CYS B 107 -0.36 19.07 -15.84
N ASN B 108 -0.62 18.74 -17.10
CA ASN B 108 -0.44 17.36 -17.58
C ASN B 108 0.78 17.21 -18.49
N ASN B 109 1.52 18.29 -18.69
CA ASN B 109 2.84 18.15 -19.31
C ASN B 109 3.69 17.38 -18.32
N LYS B 110 4.26 16.26 -18.77
CA LYS B 110 5.01 15.40 -17.86
C LYS B 110 6.51 15.58 -18.02
N THR B 111 6.89 16.67 -18.67
CA THR B 111 8.25 17.18 -18.63
C THR B 111 8.20 18.58 -18.05
N PHE B 112 7.07 18.89 -17.40
CA PHE B 112 6.88 20.17 -16.73
C PHE B 112 7.74 20.26 -15.48
N ASN B 113 8.44 21.38 -15.32
CA ASN B 113 9.44 21.52 -14.27
C ASN B 113 8.91 22.19 -13.00
N GLY B 114 7.70 22.74 -13.07
CA GLY B 114 7.08 23.34 -11.90
C GLY B 114 7.02 24.86 -11.91
N THR B 115 7.79 25.48 -12.80
CA THR B 115 7.78 26.94 -12.95
C THR B 115 7.57 27.37 -14.39
N GLY B 116 6.68 28.35 -14.57
CA GLY B 116 6.42 28.88 -15.90
C GLY B 116 5.16 28.31 -16.53
N PRO B 117 5.06 28.39 -17.86
CA PRO B 117 3.86 27.98 -18.60
C PRO B 117 3.79 26.48 -18.89
N CYS B 118 2.59 25.92 -18.78
CA CYS B 118 2.29 24.60 -19.30
C CYS B 118 0.91 24.69 -19.92
N ARG B 119 0.63 23.95 -20.99
CA ARG B 119 -0.65 24.17 -21.64
C ARG B 119 -1.67 23.04 -21.60
N ASN B 120 -1.27 21.78 -21.59
CA ASN B 120 -2.30 20.77 -21.36
C ASN B 120 -2.65 20.76 -19.87
N VAL B 121 -3.67 21.53 -19.52
CA VAL B 121 -4.11 21.68 -18.13
C VAL B 121 -5.50 21.12 -17.91
N SER B 122 -5.68 20.38 -16.82
CA SER B 122 -6.99 19.84 -16.45
C SER B 122 -7.52 20.51 -15.18
N THR B 123 -8.76 20.19 -14.82
CA THR B 123 -9.40 20.76 -13.64
C THR B 123 -10.04 19.65 -12.82
N VAL B 124 -9.80 19.64 -11.51
CA VAL B 124 -10.28 18.54 -10.69
C VAL B 124 -10.58 18.93 -9.24
N GLN B 125 -11.37 18.04 -8.63
CA GLN B 125 -11.76 18.04 -7.22
C GLN B 125 -10.58 18.11 -6.27
N CYS B 126 -9.89 16.98 -6.12
CA CYS B 126 -8.84 16.82 -5.14
C CYS B 126 -7.53 16.38 -5.79
N THR B 127 -6.42 16.59 -5.09
CA THR B 127 -5.11 16.15 -5.58
C THR B 127 -5.00 14.63 -5.55
N HIS B 128 -3.88 14.10 -6.04
CA HIS B 128 -3.63 12.66 -5.98
C HIS B 128 -3.19 12.27 -4.57
N GLY B 129 -3.13 10.97 -4.31
CA GLY B 129 -2.72 10.48 -3.00
C GLY B 129 -1.27 10.76 -2.67
N ILE B 130 -1.05 11.61 -1.67
CA ILE B 130 0.30 11.99 -1.27
C ILE B 130 0.63 11.51 0.13
N LYS B 131 1.65 10.66 0.24
CA LYS B 131 2.14 10.23 1.55
C LYS B 131 3.01 11.32 2.16
N PRO B 132 2.60 11.85 3.32
CA PRO B 132 3.36 12.88 4.03
C PRO B 132 4.65 12.33 4.62
N VAL B 133 5.58 11.94 3.76
CA VAL B 133 6.83 11.34 4.20
C VAL B 133 7.86 12.42 4.56
N VAL B 134 8.26 12.44 5.83
CA VAL B 134 9.26 13.38 6.30
C VAL B 134 10.66 12.77 6.17
N SER B 135 11.49 13.40 5.36
CA SER B 135 12.86 12.91 5.15
C SER B 135 13.77 14.01 4.62
N THR B 136 15.07 13.73 4.61
CA THR B 136 16.06 14.64 4.02
C THR B 136 16.87 13.90 2.96
N GLN B 137 17.54 14.65 2.09
CA GLN B 137 18.42 14.09 1.05
C GLN B 137 17.68 13.21 0.04
N LEU B 138 16.95 12.21 0.52
CA LEU B 138 16.16 11.34 -0.35
C LEU B 138 14.66 11.54 -0.15
N LEU B 139 13.92 11.61 -1.25
CA LEU B 139 12.46 11.63 -1.21
C LEU B 139 11.94 10.20 -1.36
N LEU B 140 11.12 9.75 -0.41
CA LEU B 140 10.65 8.38 -0.39
C LEU B 140 9.15 8.27 -0.69
N ASN B 141 8.77 7.18 -1.34
CA ASN B 141 7.37 6.86 -1.65
C ASN B 141 6.61 7.99 -2.32
N GLY B 142 7.28 8.69 -3.23
CA GLY B 142 6.64 9.72 -4.01
C GLY B 142 6.06 9.13 -5.29
N SER B 143 5.55 9.99 -6.16
CA SER B 143 5.13 9.57 -7.49
C SER B 143 6.29 9.75 -8.46
N LEU B 144 6.58 8.72 -9.25
CA LEU B 144 7.66 8.81 -10.23
C LEU B 144 7.25 9.69 -11.41
N ALA B 145 8.22 10.38 -11.99
CA ALA B 145 7.99 11.13 -13.23
C ALA B 145 7.51 10.18 -14.31
N GLU B 146 6.59 10.62 -15.16
CA GLU B 146 6.09 9.76 -16.23
C GLU B 146 7.12 9.66 -17.36
N GLU B 147 8.39 9.64 -16.93
CA GLU B 147 9.56 9.17 -17.65
C GLU B 147 10.33 10.29 -18.35
N GLU B 148 11.65 10.11 -18.35
CA GLU B 148 12.67 11.17 -18.46
C GLU B 148 12.72 11.97 -17.16
N ILE B 149 13.86 11.88 -16.47
CA ILE B 149 14.06 12.52 -15.18
C ILE B 149 13.91 14.05 -15.26
N ILE B 150 13.19 14.64 -14.31
CA ILE B 150 12.95 16.08 -14.33
C ILE B 150 13.77 16.83 -13.29
N ILE B 151 14.40 17.93 -13.70
CA ILE B 151 15.14 18.78 -12.76
C ILE B 151 14.28 19.99 -12.39
N ARG B 152 14.11 20.22 -11.09
CA ARG B 152 13.26 21.31 -10.61
C ARG B 152 14.03 22.28 -9.73
N SER B 153 13.88 23.57 -10.01
CA SER B 153 14.49 24.59 -9.17
C SER B 153 13.75 25.90 -9.34
N GLU B 154 13.64 26.65 -8.25
CA GLU B 154 13.15 28.02 -8.32
C GLU B 154 14.15 28.82 -9.14
N ASN B 155 15.41 28.42 -9.01
CA ASN B 155 16.49 28.83 -9.89
C ASN B 155 17.65 27.84 -9.82
N LEU B 156 18.23 27.52 -10.98
CA LEU B 156 19.39 26.65 -11.03
C LEU B 156 20.69 27.44 -10.93
N THR B 157 20.71 28.67 -11.44
CA THR B 157 21.91 29.48 -11.45
C THR B 157 22.15 30.13 -10.07
N ASN B 158 21.15 30.06 -9.20
CA ASN B 158 21.34 30.42 -7.80
C ASN B 158 21.65 29.16 -6.99
N ASN B 159 22.90 29.04 -6.53
CA ASN B 159 23.39 27.85 -5.85
C ASN B 159 22.84 27.70 -4.43
N ALA B 160 22.15 28.74 -3.96
CA ALA B 160 21.59 28.76 -2.61
C ALA B 160 20.19 28.16 -2.55
N LYS B 161 19.65 27.80 -3.72
CA LYS B 161 18.29 27.27 -3.78
C LYS B 161 18.28 25.76 -3.95
N THR B 162 17.32 25.11 -3.31
CA THR B 162 17.24 23.66 -3.31
C THR B 162 16.80 23.11 -4.67
N ILE B 163 17.47 22.05 -5.12
CA ILE B 163 17.13 21.40 -6.38
C ILE B 163 16.38 20.10 -6.12
N ILE B 164 15.20 19.96 -6.72
CA ILE B 164 14.42 18.74 -6.59
C ILE B 164 14.54 17.90 -7.85
N VAL B 165 15.19 16.75 -7.74
CA VAL B 165 15.31 15.84 -8.86
C VAL B 165 14.19 14.80 -8.80
N HIS B 166 13.32 14.82 -9.81
CA HIS B 166 12.21 13.88 -9.90
C HIS B 166 12.61 12.70 -10.79
N LEU B 167 12.83 11.56 -10.15
CA LEU B 167 13.19 10.32 -10.85
C LEU B 167 11.97 9.72 -11.53
N ASN B 168 12.21 8.73 -12.39
CA ASN B 168 11.13 8.09 -13.12
C ASN B 168 11.16 6.57 -12.93
N GLU B 169 12.25 6.08 -12.34
CA GLU B 169 12.36 4.69 -11.94
C GLU B 169 12.83 4.63 -10.50
N SER B 170 11.99 4.11 -9.61
CA SER B 170 12.28 4.11 -8.18
C SER B 170 13.51 3.26 -7.86
N VAL B 171 14.29 3.71 -6.86
CA VAL B 171 15.43 2.94 -6.38
C VAL B 171 15.13 2.42 -4.98
N ASN B 172 14.93 1.10 -4.85
CA ASN B 172 14.60 0.51 -3.56
C ASN B 172 15.68 0.76 -2.53
N ILE B 173 15.25 1.03 -1.29
CA ILE B 173 16.16 1.19 -0.16
C ILE B 173 15.60 0.43 1.04
N VAL B 174 16.42 -0.40 1.67
CA VAL B 174 15.93 -1.20 2.78
C VAL B 174 16.72 -0.91 4.06
N CYS B 175 16.12 -0.13 4.95
CA CYS B 175 16.79 0.23 6.21
C CYS B 175 16.34 -0.71 7.31
N THR B 176 17.27 -1.08 8.20
CA THR B 176 16.97 -2.10 9.20
C THR B 176 17.84 -1.99 10.45
N ARG B 177 17.18 -2.03 11.60
CA ARG B 177 17.86 -2.31 12.86
C ARG B 177 17.48 -3.73 13.25
N PRO B 178 18.44 -4.66 13.12
CA PRO B 178 18.24 -6.09 13.35
C PRO B 178 17.90 -6.43 14.81
N ASN B 179 17.33 -7.60 15.02
CA ASN B 179 16.92 -8.05 16.35
C ASN B 179 18.13 -8.25 17.26
N ASN B 188 24.67 -3.29 19.60
CA ASN B 188 24.16 -1.93 19.75
C ASN B 188 22.71 -1.83 19.27
N ILE B 189 21.82 -1.45 20.18
CA ILE B 189 20.38 -1.39 19.90
C ILE B 189 19.97 -0.11 19.14
N ARG B 190 20.92 0.76 18.86
CA ARG B 190 20.64 1.97 18.09
C ARG B 190 21.37 1.93 16.76
N GLN B 191 22.16 0.88 16.59
CA GLN B 191 22.91 0.65 15.36
C GLN B 191 22.02 0.02 14.30
N ALA B 192 21.87 0.72 13.17
CA ALA B 192 21.07 0.22 12.06
C ALA B 192 21.85 0.37 10.75
N HIS B 193 21.28 -0.10 9.64
CA HIS B 193 21.94 0.05 8.35
C HIS B 193 20.98 -0.03 7.18
N CYS B 194 21.28 0.69 6.12
CA CYS B 194 20.46 0.64 4.91
C CYS B 194 21.14 -0.16 3.79
N ASN B 195 20.34 -0.75 2.93
CA ASN B 195 20.86 -1.48 1.77
C ASN B 195 20.27 -0.93 0.49
N ILE B 196 21.15 -0.59 -0.45
CA ILE B 196 20.78 -0.10 -1.78
C ILE B 196 21.60 -0.82 -2.83
N ASN B 197 20.96 -1.32 -3.89
CA ASN B 197 21.69 -1.94 -4.99
C ASN B 197 22.52 -0.90 -5.74
N GLU B 198 23.81 -1.21 -5.95
CA GLU B 198 24.72 -0.26 -6.58
C GLU B 198 24.45 -0.08 -8.06
N SER B 199 23.94 -1.12 -8.73
CA SER B 199 23.61 -1.02 -10.16
C SER B 199 22.55 0.05 -10.43
N LYS B 200 21.44 -0.08 -9.70
CA LYS B 200 20.31 0.85 -9.83
C LYS B 200 20.75 2.28 -9.52
N TRP B 201 21.64 2.42 -8.54
CA TRP B 201 22.13 3.72 -8.12
C TRP B 201 23.11 4.33 -9.13
N ASN B 202 23.96 3.49 -9.70
CA ASN B 202 24.90 3.92 -10.74
C ASN B 202 24.16 4.41 -11.97
N ASN B 203 23.22 3.60 -12.45
CA ASN B 203 22.38 3.99 -13.58
C ASN B 203 21.61 5.27 -13.28
N THR B 204 21.02 5.34 -12.10
CA THR B 204 20.28 6.53 -11.68
C THR B 204 21.14 7.79 -11.72
N LEU B 205 22.28 7.75 -11.05
CA LEU B 205 23.16 8.93 -10.97
C LEU B 205 23.82 9.25 -12.31
N GLN B 206 23.85 8.27 -13.22
CA GLN B 206 24.30 8.57 -14.57
C GLN B 206 23.23 9.35 -15.33
N LYS B 207 21.99 8.88 -15.26
CA LYS B 207 20.89 9.59 -15.90
C LYS B 207 20.73 11.02 -15.35
N VAL B 208 20.69 11.12 -14.02
CA VAL B 208 20.63 12.41 -13.34
C VAL B 208 21.82 13.27 -13.74
N GLY B 209 23.00 12.65 -13.77
CA GLY B 209 24.21 13.33 -14.21
C GLY B 209 24.06 13.94 -15.59
N GLU B 210 23.45 13.21 -16.51
CA GLU B 210 23.21 13.72 -17.87
C GLU B 210 22.22 14.88 -17.87
N GLU B 211 21.10 14.70 -17.17
CA GLU B 211 20.08 15.75 -17.09
C GLU B 211 20.64 17.04 -16.49
N LEU B 212 21.57 16.90 -15.55
CA LEU B 212 22.28 18.04 -14.98
C LEU B 212 23.29 18.60 -15.99
N ALA B 213 23.87 17.70 -16.79
CA ALA B 213 24.87 18.08 -17.78
C ALA B 213 24.28 18.93 -18.90
N LYS B 214 22.98 18.78 -19.15
CA LYS B 214 22.35 19.64 -20.16
C LYS B 214 22.12 21.05 -19.61
N HIS B 215 21.71 21.15 -18.34
CA HIS B 215 21.50 22.46 -17.72
C HIS B 215 22.83 23.18 -17.44
N PHE B 216 23.90 22.42 -17.33
CA PHE B 216 25.22 23.00 -17.09
C PHE B 216 26.19 22.63 -18.20
N PRO B 217 26.57 23.63 -19.01
CA PRO B 217 27.27 23.57 -20.30
C PRO B 217 28.01 22.28 -20.58
N SER B 218 29.21 22.18 -20.03
CA SER B 218 30.07 21.02 -20.21
C SER B 218 31.16 21.02 -19.15
N LYS B 219 30.78 20.71 -17.92
CA LYS B 219 31.71 20.71 -16.80
C LYS B 219 31.74 19.32 -16.16
N THR B 220 32.80 19.03 -15.43
CA THR B 220 32.85 17.79 -14.65
C THR B 220 31.80 17.86 -13.54
N ILE B 221 30.80 16.99 -13.60
CA ILE B 221 29.72 17.03 -12.62
C ILE B 221 29.94 16.03 -11.50
N LYS B 222 30.33 16.50 -10.32
CA LYS B 222 30.63 15.61 -9.21
C LYS B 222 29.51 15.56 -8.20
N PHE B 223 29.33 14.39 -7.58
CA PHE B 223 28.40 14.22 -6.48
C PHE B 223 29.19 13.93 -5.21
N GLU B 224 29.07 14.83 -4.24
CA GLU B 224 29.79 14.71 -2.97
C GLU B 224 28.84 14.83 -1.79
N PRO B 225 29.20 14.21 -0.65
CA PRO B 225 28.41 14.27 0.59
C PRO B 225 28.14 15.70 1.08
N SER B 226 27.16 15.84 1.98
CA SER B 226 26.75 17.15 2.50
C SER B 226 27.91 17.89 3.18
N SER B 227 27.97 19.21 2.95
CA SER B 227 29.05 20.05 3.47
C SER B 227 29.18 19.99 4.99
N GLY B 228 28.05 20.20 5.67
CA GLY B 228 28.02 20.22 7.11
C GLY B 228 26.68 20.70 7.65
N GLY B 229 26.58 20.79 8.97
CA GLY B 229 25.33 21.19 9.60
C GLY B 229 24.84 20.12 10.56
N ASP B 230 23.55 20.16 10.86
CA ASP B 230 22.96 19.21 11.80
C ASP B 230 22.81 17.83 11.16
N LEU B 231 22.88 16.78 11.98
CA LEU B 231 22.81 15.40 11.48
C LEU B 231 21.56 15.12 10.66
N GLU B 232 20.52 15.93 10.85
CA GLU B 232 19.28 15.74 10.13
C GLU B 232 19.45 16.01 8.63
N ILE B 233 20.34 16.93 8.28
CA ILE B 233 20.55 17.28 6.87
C ILE B 233 21.90 16.79 6.31
N THR B 234 22.83 16.46 7.19
CA THR B 234 24.11 15.89 6.78
C THR B 234 23.99 14.38 6.57
N THR B 235 22.84 13.84 6.96
CA THR B 235 22.53 12.42 6.74
C THR B 235 21.14 12.27 6.15
N HIS B 236 20.88 11.13 5.51
CA HIS B 236 19.51 10.78 5.15
C HIS B 236 18.76 10.44 6.43
N SER B 237 18.02 11.41 6.96
CA SER B 237 17.26 11.20 8.17
C SER B 237 15.79 11.03 7.84
N PHE B 238 15.16 10.04 8.46
CA PHE B 238 13.75 9.75 8.18
C PHE B 238 13.11 9.06 9.37
N ASN B 239 11.82 8.76 9.27
CA ASN B 239 11.13 8.06 10.35
C ASN B 239 10.62 6.70 9.93
N CYS B 240 11.04 5.66 10.66
CA CYS B 240 10.62 4.30 10.41
C CYS B 240 9.98 3.71 11.66
N ARG B 241 8.67 3.46 11.58
CA ARG B 241 7.91 2.89 12.69
C ARG B 241 8.06 3.70 13.99
N GLY B 242 8.06 5.03 13.87
CA GLY B 242 8.19 5.89 15.03
C GLY B 242 9.61 6.17 15.46
N GLU B 243 10.55 5.36 14.97
CA GLU B 243 11.96 5.57 15.30
C GLU B 243 12.64 6.50 14.31
N PHE B 244 13.48 7.39 14.81
CA PHE B 244 14.15 8.39 13.97
C PHE B 244 15.49 7.87 13.49
N PHE B 245 15.56 7.49 12.21
CA PHE B 245 16.77 6.97 11.61
C PHE B 245 17.65 8.09 11.04
N TYR B 246 18.93 8.03 11.37
CA TYR B 246 19.94 8.91 10.79
C TYR B 246 20.94 8.07 10.02
N CYS B 247 20.74 7.95 8.71
CA CYS B 247 21.52 7.04 7.88
C CYS B 247 22.58 7.76 7.04
N ASN B 248 23.77 7.21 7.03
CA ASN B 248 24.91 7.85 6.36
C ASN B 248 24.94 7.69 4.85
N THR B 249 25.23 8.79 4.15
CA THR B 249 25.20 8.80 2.69
C THR B 249 26.55 9.20 2.05
N SER B 250 27.64 9.03 2.79
CA SER B 250 28.96 9.39 2.29
C SER B 250 29.43 8.44 1.18
N ASP B 251 28.93 7.21 1.18
CA ASP B 251 29.26 6.24 0.14
C ASP B 251 28.16 6.18 -0.93
N LEU B 252 27.16 7.05 -0.80
CA LEU B 252 26.03 7.08 -1.73
C LEU B 252 26.14 8.23 -2.71
N PHE B 253 26.18 9.44 -2.18
CA PHE B 253 26.38 10.62 -3.00
C PHE B 253 27.86 10.83 -3.26
N ASN B 254 28.44 9.89 -3.99
CA ASN B 254 29.86 9.93 -4.26
C ASN B 254 30.18 9.46 -5.66
N GLY B 255 30.46 10.40 -6.55
CA GLY B 255 30.73 10.02 -7.92
C GLY B 255 31.17 11.15 -8.82
N THR B 256 31.56 10.78 -10.04
CA THR B 256 32.02 11.75 -11.02
C THR B 256 31.42 11.45 -12.40
N TYR B 257 30.54 12.34 -12.84
CA TYR B 257 30.03 12.30 -14.21
C TYR B 257 30.91 13.16 -15.11
N ARG B 258 31.48 12.53 -16.13
CA ARG B 258 32.40 13.20 -17.05
C ARG B 258 32.37 12.49 -18.41
N ASN B 259 32.52 13.27 -19.48
CA ASN B 259 32.57 12.76 -20.85
C ASN B 259 31.42 11.81 -21.17
N GLY B 260 30.28 12.02 -20.53
CA GLY B 260 29.10 11.24 -20.82
C GLY B 260 28.90 9.98 -20.00
N THR B 261 29.76 9.73 -19.01
CA THR B 261 29.59 8.57 -18.14
C THR B 261 29.77 8.92 -16.66
N TYR B 262 29.07 8.20 -15.79
CA TYR B 262 29.17 8.40 -14.35
C TYR B 262 30.02 7.30 -13.71
N ASN B 263 30.84 7.68 -12.73
CA ASN B 263 31.67 6.72 -12.00
C ASN B 263 31.47 6.82 -10.49
N HIS B 264 31.06 5.73 -9.87
CA HIS B 264 30.86 5.71 -8.43
C HIS B 264 32.18 5.49 -7.71
N THR B 265 32.58 6.49 -6.95
CA THR B 265 33.81 6.44 -6.18
C THR B 265 33.50 6.06 -4.74
N GLY B 266 32.22 5.80 -4.47
CA GLY B 266 31.77 5.38 -3.15
C GLY B 266 31.98 3.89 -2.94
N ARG B 267 31.95 3.46 -1.68
CA ARG B 267 32.25 2.07 -1.35
C ARG B 267 31.06 1.14 -1.51
N SER B 268 31.35 -0.12 -1.82
CA SER B 268 30.34 -1.14 -2.01
C SER B 268 30.91 -2.52 -1.71
N SER B 269 30.03 -3.50 -1.48
CA SER B 269 30.44 -4.88 -1.31
C SER B 269 29.46 -5.81 -2.01
N ASN B 270 29.97 -6.64 -2.92
CA ASN B 270 29.16 -7.59 -3.68
C ASN B 270 28.02 -6.88 -4.40
N GLY B 271 28.31 -5.69 -4.93
CA GLY B 271 27.32 -4.92 -5.67
C GLY B 271 26.27 -4.27 -4.80
N THR B 272 26.55 -4.17 -3.49
CA THR B 272 25.60 -3.59 -2.56
C THR B 272 26.19 -2.43 -1.76
N ILE B 273 25.54 -1.27 -1.81
CA ILE B 273 25.88 -0.13 -0.98
C ILE B 273 25.18 -0.21 0.37
N THR B 274 25.95 -0.17 1.45
CA THR B 274 25.38 -0.26 2.80
C THR B 274 25.62 1.03 3.58
N LEU B 275 24.52 1.70 3.95
CA LEU B 275 24.60 2.93 4.73
C LEU B 275 24.66 2.61 6.21
N GLN B 276 25.48 3.35 6.95
CA GLN B 276 25.51 3.19 8.40
C GLN B 276 24.51 4.13 9.04
N CYS B 277 23.56 3.56 9.78
CA CYS B 277 22.50 4.34 10.40
C CYS B 277 22.53 4.30 11.91
N LYS B 278 22.02 5.34 12.53
CA LYS B 278 21.83 5.34 13.97
C LYS B 278 20.46 5.90 14.34
N ILE B 279 19.75 5.22 15.24
CA ILE B 279 18.48 5.74 15.72
C ILE B 279 18.73 6.69 16.89
N LYS B 280 18.26 7.92 16.76
CA LYS B 280 18.55 8.94 17.76
C LYS B 280 17.32 9.30 18.59
N GLN B 281 17.56 9.70 19.84
CA GLN B 281 16.49 10.18 20.70
C GLN B 281 16.42 11.70 20.62
N ILE B 282 17.58 12.34 20.50
CA ILE B 282 17.64 13.79 20.40
C ILE B 282 17.50 14.24 18.95
N ILE B 283 16.32 14.73 18.60
CA ILE B 283 15.97 15.10 17.24
C ILE B 283 16.06 16.60 17.05
CA ASN B 284 16.40 19.71 15.86
C ASN B 284 15.15 19.15 15.20
N MET B 285 13.99 19.65 15.60
CA MET B 285 12.73 19.30 14.94
C MET B 285 12.70 19.93 13.55
N TRP B 286 11.74 19.52 12.71
CA TRP B 286 11.58 20.12 11.39
C TRP B 286 10.43 21.12 11.41
N GLN B 287 9.44 20.86 12.26
CA GLN B 287 8.26 21.70 12.40
C GLN B 287 8.64 23.12 12.80
N GLU B 288 9.36 23.24 13.91
CA GLU B 288 9.79 24.52 14.45
C GLU B 288 11.23 24.43 14.94
N VAL B 289 11.83 25.57 15.25
CA VAL B 289 13.21 25.58 15.77
C VAL B 289 13.21 25.16 17.23
N GLY B 290 13.89 24.05 17.53
CA GLY B 290 13.94 23.51 18.88
C GLY B 290 14.31 22.04 18.91
N ARG B 291 14.84 21.58 20.03
CA ARG B 291 15.19 20.17 20.18
N ALA B 292 13.25 17.81 20.00
CA ALA B 292 12.45 16.83 20.73
C ALA B 292 13.32 15.69 21.23
N ILE B 293 12.99 15.14 22.39
CA ILE B 293 13.67 13.95 22.89
C ILE B 293 12.65 12.82 23.01
N TYR B 294 13.04 11.61 22.59
CA TYR B 294 12.09 10.49 22.57
C TYR B 294 12.61 9.31 23.39
N ALA B 295 11.74 8.34 23.63
CA ALA B 295 12.12 7.15 24.38
C ALA B 295 13.06 6.28 23.53
N PRO B 296 13.93 5.49 24.19
CA PRO B 296 14.82 4.54 23.51
C PRO B 296 14.08 3.65 22.52
N PRO B 297 14.78 3.15 21.48
CA PRO B 297 14.11 2.41 20.41
C PRO B 297 13.38 1.16 20.89
N ILE B 298 12.26 0.85 20.26
CA ILE B 298 11.50 -0.35 20.57
C ILE B 298 12.33 -1.59 20.30
N GLU B 299 11.94 -2.72 20.88
CA GLU B 299 12.69 -3.96 20.68
C GLU B 299 12.13 -4.75 19.49
N GLY B 300 12.92 -5.69 18.99
CA GLY B 300 12.55 -6.45 17.82
C GLY B 300 13.18 -5.89 16.55
N GLU B 301 12.85 -6.48 15.41
CA GLU B 301 13.36 -6.00 14.13
C GLU B 301 12.64 -4.75 13.66
N ILE B 302 13.39 -3.67 13.46
CA ILE B 302 12.81 -2.42 12.97
C ILE B 302 13.25 -2.16 11.54
N THR B 303 12.43 -2.56 10.57
CA THR B 303 12.83 -2.45 9.18
C THR B 303 11.83 -1.67 8.32
N CYS B 304 12.34 -0.74 7.51
CA CYS B 304 11.53 -0.01 6.55
C CYS B 304 12.02 -0.27 5.13
N ASN B 305 11.11 -0.76 4.29
CA ASN B 305 11.39 -1.03 2.88
C ASN B 305 10.74 0.04 2.01
N SER B 306 11.54 1.02 1.58
CA SER B 306 11.01 2.21 0.91
C SER B 306 11.48 2.32 -0.54
N ASN B 307 10.81 3.16 -1.31
CA ASN B 307 11.25 3.47 -2.67
C ASN B 307 11.74 4.90 -2.80
N ILE B 308 13.01 5.06 -3.17
CA ILE B 308 13.55 6.39 -3.46
C ILE B 308 12.99 6.85 -4.80
N THR B 309 12.24 7.95 -4.77
CA THR B 309 11.55 8.45 -5.96
C THR B 309 11.99 9.87 -6.30
N GLY B 310 12.91 10.41 -5.50
CA GLY B 310 13.38 11.76 -5.69
C GLY B 310 14.65 12.11 -4.94
N LEU B 311 15.34 13.15 -5.41
CA LEU B 311 16.57 13.63 -4.78
C LEU B 311 16.44 15.09 -4.37
N LEU B 312 17.09 15.47 -3.27
CA LEU B 312 17.18 16.86 -2.86
C LEU B 312 18.66 17.26 -2.88
N LEU B 313 18.99 18.22 -3.74
CA LEU B 313 20.40 18.57 -3.96
C LEU B 313 20.69 20.06 -3.76
N LEU B 314 21.96 20.36 -3.57
CA LEU B 314 22.45 21.73 -3.44
C LEU B 314 23.78 21.86 -4.19
N ARG B 315 23.86 22.84 -5.08
CA ARG B 315 25.07 23.07 -5.85
C ARG B 315 26.00 24.04 -5.12
N ASP B 316 27.30 23.74 -5.15
CA ASP B 316 28.30 24.57 -4.50
C ASP B 316 28.52 25.88 -5.27
N ASP B 323 35.66 24.56 -13.87
CA ASP B 323 36.06 23.21 -14.23
C ASP B 323 34.97 22.22 -13.89
N THR B 324 34.47 22.32 -12.65
CA THR B 324 33.56 21.32 -12.09
C THR B 324 32.36 21.94 -11.39
N GLU B 325 31.20 21.30 -11.54
CA GLU B 325 30.04 21.62 -10.72
C GLU B 325 29.81 20.50 -9.70
N THR B 326 29.75 20.86 -8.42
CA THR B 326 29.62 19.87 -7.36
C THR B 326 28.23 19.93 -6.72
N PHE B 327 27.61 18.75 -6.58
CA PHE B 327 26.26 18.64 -6.04
C PHE B 327 26.27 17.80 -4.76
N ARG B 328 25.58 18.30 -3.73
CA ARG B 328 25.57 17.64 -2.44
C ARG B 328 24.15 17.37 -1.98
N PRO B 329 23.95 16.32 -1.18
CA PRO B 329 22.59 16.04 -0.70
C PRO B 329 22.10 17.13 0.23
N GLY B 330 20.91 17.63 -0.05
CA GLY B 330 20.30 18.65 0.79
C GLY B 330 18.89 18.26 1.16
CA GLY B 331 16.20 19.46 2.46
C GLY B 331 16.39 19.87 3.91
N GLY B 332 15.45 19.46 4.75
CA GLY B 332 15.40 19.94 6.11
C GLY B 332 14.24 20.91 6.24
N ASP B 333 13.89 21.53 5.12
CA ASP B 333 12.65 22.29 5.01
C ASP B 333 11.59 21.40 4.37
N MET B 334 11.08 20.44 5.14
CA MET B 334 10.11 19.48 4.65
N ARG B 335 8.72 21.91 3.42
CA ARG B 335 7.81 22.31 2.36
C ARG B 335 8.27 21.77 1.00
N ASP B 336 9.58 21.69 0.80
CA ASP B 336 10.13 21.16 -0.46
C ASP B 336 9.61 19.74 -0.73
N ASN B 337 9.54 18.93 0.32
CA ASN B 337 9.01 17.57 0.22
C ASN B 337 7.56 17.55 -0.27
N TRP B 338 6.79 18.57 0.11
CA TRP B 338 5.41 18.67 -0.36
C TRP B 338 5.37 19.29 -1.75
N ARG B 339 6.39 20.08 -2.09
CA ARG B 339 6.51 20.65 -3.43
C ARG B 339 6.81 19.57 -4.46
N SER B 340 7.49 18.51 -4.03
CA SER B 340 7.85 17.41 -4.92
C SER B 340 6.61 16.71 -5.49
N GLU B 341 5.50 16.84 -4.80
CA GLU B 341 4.25 16.19 -5.20
C GLU B 341 3.18 17.21 -5.64
N LEU B 342 3.25 18.40 -5.08
CA LEU B 342 2.24 19.45 -5.33
C LEU B 342 2.69 20.45 -6.39
N TYR B 343 3.71 20.10 -7.16
CA TYR B 343 4.24 21.00 -8.19
C TYR B 343 3.27 21.18 -9.35
N LYS B 344 2.50 20.12 -9.65
CA LYS B 344 1.63 20.07 -10.81
C LYS B 344 0.27 20.72 -10.58
N TYR B 345 0.04 21.24 -9.37
CA TYR B 345 -1.28 21.76 -9.01
C TYR B 345 -1.31 23.27 -8.80
N LYS B 346 -2.51 23.85 -8.92
CA LYS B 346 -2.73 25.24 -8.52
C LYS B 346 -4.20 25.49 -8.18
N VAL B 347 -4.46 26.05 -7.00
CA VAL B 347 -5.83 26.37 -6.61
C VAL B 347 -6.33 27.60 -7.37
N VAL B 348 -7.53 27.49 -7.95
CA VAL B 348 -8.05 28.56 -8.80
C VAL B 348 -9.52 28.87 -8.46
N GLU B 349 -9.92 30.11 -8.68
CA GLU B 349 -11.30 30.54 -8.44
C GLU B 349 -12.26 29.92 -9.46
#